data_2O39
#
_entry.id   2O39
#
_cell.length_a   106.140
_cell.length_b   106.140
_cell.length_c   68.320
_cell.angle_alpha   90.00
_cell.angle_beta   90.00
_cell.angle_gamma   120.00
#
_symmetry.space_group_name_H-M   'P 3'
#
loop_
_entity.id
_entity.type
_entity.pdbx_description
1 polymer 'Fiber protein'
2 polymer 'Membrane cofactor protein'
3 branched beta-D-mannopyranose-(1-4)-2-acetamido-2-deoxy-beta-D-glucopyranose-(1-4)-2-acetamido-2-deoxy-beta-D-glucopyranose
4 non-polymer 'CALCIUM ION'
5 water water
#
loop_
_entity_poly.entity_id
_entity_poly.type
_entity_poly.pdbx_seq_one_letter_code
_entity_poly.pdbx_strand_id
1 'polypeptide(L)'
;DNINTLWTGVNPTEANCQIMNSSESNDCKLILTLVKTGALVTAFVYVIGVSNNFNMLTTHRNINFTAELFFDSTGNLLTR
LSSLKTPLNHKSGQNMATGAITNAKGFMPSTTAYPFNDNSREKENYIYGTCYYTASDRTAFPIDISVMLNRRAINDETSY
CIRITWSWNTGDAPEVQTSATTLVTSPFTFYYIREDD
;
A,B
2 'polypeptide(L)'
;CEEPPTFEAMELIGKPKPYYEIGERVDYKCKKGYFYIPPLATHTICDRNHTWLPVSDDACYRETCPYIRDPLNGQAVPAN
GTYEFGYQMHFICNEGYYLIGEEILYCELKGSVAIWSGKPPICEKV
;
C,D
#
loop_
_chem_comp.id
_chem_comp.type
_chem_comp.name
_chem_comp.formula
BMA D-saccharide, beta linking beta-D-mannopyranose 'C6 H12 O6'
CA non-polymer 'CALCIUM ION' 'Ca 2'
NAG D-saccharide, beta linking 2-acetamido-2-deoxy-beta-D-glucopyranose 'C8 H15 N O6'
#
# COMPACT_ATOMS: atom_id res chain seq x y z
N ASP A 1 20.08 -22.01 31.93
CA ASP A 1 20.24 -20.76 32.72
C ASP A 1 21.42 -19.94 32.21
N ASN A 2 21.26 -19.41 30.99
CA ASN A 2 22.26 -18.60 30.31
C ASN A 2 21.83 -17.14 30.32
N ILE A 3 20.94 -16.77 31.24
CA ILE A 3 20.46 -15.41 31.29
C ILE A 3 21.45 -14.45 31.96
N ASN A 4 22.67 -14.92 32.19
CA ASN A 4 23.74 -14.07 32.70
C ASN A 4 24.63 -13.51 31.59
N THR A 5 24.39 -13.97 30.37
CA THR A 5 25.09 -13.45 29.20
C THR A 5 24.11 -12.74 28.26
N LEU A 6 24.46 -11.51 27.87
CA LEU A 6 23.74 -10.81 26.81
C LEU A 6 24.69 -10.39 25.68
N TRP A 7 24.76 -11.22 24.64
CA TRP A 7 25.88 -11.18 23.72
C TRP A 7 25.41 -11.24 22.27
N THR A 8 26.33 -11.03 21.34
CA THR A 8 26.00 -11.01 19.93
C THR A 8 25.98 -12.43 19.34
N GLY A 9 26.38 -13.40 20.16
CA GLY A 9 26.52 -14.76 19.69
C GLY A 9 27.88 -14.89 19.06
N VAL A 10 28.41 -16.10 18.98
CA VAL A 10 29.74 -16.30 18.39
C VAL A 10 29.73 -16.16 16.87
N ASN A 11 30.82 -15.58 16.34
CA ASN A 11 31.01 -15.38 14.91
C ASN A 11 29.77 -15.58 14.05
N PRO A 12 29.01 -14.49 13.80
CA PRO A 12 27.77 -14.42 13.01
C PRO A 12 27.99 -14.63 11.52
N THR A 13 27.01 -15.23 10.84
CA THR A 13 27.11 -15.47 9.42
C THR A 13 27.41 -14.17 8.66
N GLU A 14 26.48 -13.23 8.70
CA GLU A 14 26.70 -11.96 8.01
C GLU A 14 27.16 -10.87 8.99
N ALA A 15 27.83 -9.85 8.46
CA ALA A 15 28.29 -8.74 9.28
C ALA A 15 27.10 -8.17 10.06
N ASN A 16 27.32 -7.77 11.30
CA ASN A 16 26.25 -7.24 12.13
C ASN A 16 26.45 -5.78 12.51
N CYS A 17 27.64 -5.28 12.23
CA CYS A 17 27.96 -3.92 12.59
C CYS A 17 28.40 -3.07 11.41
N GLN A 18 28.09 -1.78 11.49
CA GLN A 18 28.47 -0.82 10.46
C GLN A 18 29.28 0.22 11.22
N ILE A 19 30.58 0.02 11.26
CA ILE A 19 31.44 0.92 11.97
C ILE A 19 31.88 2.13 11.18
N MET A 20 32.14 1.95 9.89
CA MET A 20 32.58 3.07 9.07
C MET A 20 31.42 3.89 8.53
N ASN A 21 31.48 5.20 8.81
CA ASN A 21 30.46 6.13 8.35
C ASN A 21 30.61 6.33 6.85
N SER A 22 31.86 6.28 6.36
CA SER A 22 32.15 6.45 4.94
C SER A 22 31.59 5.26 4.25
N SER A 23 30.64 4.60 4.93
CA SER A 23 30.18 3.28 4.50
C SER A 23 28.65 3.23 4.44
N GLU A 24 28.12 2.11 3.96
CA GLU A 24 26.73 1.75 4.22
C GLU A 24 26.48 0.29 3.86
N SER A 25 25.68 -0.38 4.70
CA SER A 25 25.82 -1.81 4.92
C SER A 25 27.03 -2.12 5.79
N ASN A 26 26.80 -2.23 7.09
CA ASN A 26 27.47 -3.25 7.89
C ASN A 26 28.81 -3.68 7.29
N ASP A 27 29.89 -3.04 7.74
CA ASP A 27 31.22 -3.26 7.16
C ASP A 27 31.98 -4.35 7.91
N CYS A 28 31.58 -4.58 9.15
CA CYS A 28 32.25 -5.59 9.99
C CYS A 28 31.32 -6.45 10.82
N LYS A 29 31.92 -7.35 11.57
CA LYS A 29 31.19 -8.26 12.42
C LYS A 29 31.65 -8.07 13.85
N LEU A 30 30.92 -7.25 14.61
CA LEU A 30 31.23 -6.94 16.00
C LEU A 30 30.78 -8.00 17.02
N ILE A 31 31.73 -8.60 17.72
CA ILE A 31 31.38 -9.60 18.73
C ILE A 31 31.37 -8.93 20.11
N LEU A 32 30.24 -9.02 20.81
CA LEU A 32 30.13 -8.42 22.14
C LEU A 32 29.44 -9.32 23.17
N THR A 33 30.09 -9.46 24.32
CA THR A 33 29.59 -10.30 25.40
C THR A 33 29.63 -9.57 26.75
N LEU A 34 28.44 -9.37 27.32
CA LEU A 34 28.28 -8.73 28.62
C LEU A 34 27.83 -9.87 29.56
N VAL A 35 28.58 -10.10 30.63
CA VAL A 35 28.22 -11.15 31.57
C VAL A 35 28.02 -10.58 32.96
N LYS A 36 26.93 -10.96 33.61
CA LYS A 36 26.69 -10.47 34.95
C LYS A 36 27.56 -11.21 35.94
N THR A 37 28.50 -10.48 36.51
CA THR A 37 29.40 -11.03 37.51
C THR A 37 29.42 -10.07 38.70
N GLY A 38 28.62 -10.40 39.71
CA GLY A 38 28.55 -9.58 40.90
C GLY A 38 27.93 -8.24 40.56
N ALA A 39 28.31 -7.20 41.31
CA ALA A 39 27.78 -5.87 41.08
C ALA A 39 28.39 -5.26 39.83
N LEU A 40 29.22 -6.04 39.14
CA LEU A 40 29.87 -5.61 37.91
C LEU A 40 29.40 -6.37 36.66
N VAL A 41 29.80 -5.85 35.51
CA VAL A 41 29.51 -6.48 34.24
C VAL A 41 30.87 -6.66 33.57
N THR A 42 31.10 -7.85 33.04
CA THR A 42 32.35 -8.15 32.36
C THR A 42 32.03 -7.93 30.89
N ALA A 43 32.70 -6.97 30.28
CA ALA A 43 32.48 -6.67 28.88
C ALA A 43 33.62 -7.29 28.09
N PHE A 44 33.27 -8.05 27.05
CA PHE A 44 34.23 -8.75 26.22
C PHE A 44 33.93 -8.31 24.81
N VAL A 45 34.89 -7.69 24.14
CA VAL A 45 34.61 -7.21 22.79
C VAL A 45 35.80 -7.13 21.86
N TYR A 46 35.51 -7.30 20.58
CA TYR A 46 36.50 -7.23 19.51
C TYR A 46 35.76 -7.16 18.16
N VAL A 47 36.49 -7.00 17.06
CA VAL A 47 35.80 -6.91 15.77
C VAL A 47 36.44 -7.72 14.63
N ILE A 48 35.58 -8.29 13.79
CA ILE A 48 35.99 -9.06 12.63
C ILE A 48 35.60 -8.28 11.36
N GLY A 49 36.58 -7.71 10.68
CA GLY A 49 36.26 -6.94 9.49
C GLY A 49 35.69 -7.83 8.40
N VAL A 50 34.73 -7.31 7.62
CA VAL A 50 34.15 -8.12 6.55
C VAL A 50 34.23 -7.43 5.19
N SER A 51 33.90 -6.15 5.15
CA SER A 51 33.95 -5.42 3.89
C SER A 51 35.38 -5.03 3.53
N ASN A 52 35.69 -5.14 2.24
CA ASN A 52 37.02 -4.83 1.73
C ASN A 52 37.58 -3.48 2.18
N ASN A 53 36.74 -2.46 2.23
CA ASN A 53 37.20 -1.14 2.65
C ASN A 53 37.73 -1.16 4.07
N PHE A 54 36.93 -1.67 5.00
CA PHE A 54 37.31 -1.74 6.40
C PHE A 54 38.57 -2.58 6.54
N ASN A 55 38.60 -3.74 5.88
CA ASN A 55 39.77 -4.60 5.95
C ASN A 55 41.05 -3.91 5.49
N MET A 56 40.93 -2.94 4.61
CA MET A 56 42.10 -2.25 4.08
C MET A 56 42.66 -1.11 4.92
N LEU A 57 42.09 -0.88 6.08
CA LEU A 57 42.58 0.20 6.93
C LEU A 57 43.94 -0.15 7.48
N THR A 58 44.22 -1.45 7.61
CA THR A 58 45.49 -1.91 8.16
C THR A 58 46.69 -1.42 7.36
N THR A 59 46.42 -0.85 6.19
CA THR A 59 47.48 -0.32 5.34
C THR A 59 47.67 1.16 5.59
N HIS A 60 47.01 1.66 6.61
CA HIS A 60 47.08 3.06 6.97
C HIS A 60 47.86 3.34 8.26
N ARG A 61 48.65 4.40 8.21
CA ARG A 61 49.51 4.80 9.30
C ARG A 61 48.81 5.40 10.52
N ASN A 62 47.63 5.95 10.33
CA ASN A 62 46.91 6.56 11.45
C ASN A 62 45.41 6.37 11.28
N ILE A 63 44.84 5.50 12.10
CA ILE A 63 43.42 5.18 12.03
C ILE A 63 42.72 5.26 13.39
N ASN A 64 41.41 5.09 13.36
CA ASN A 64 40.56 5.08 14.54
C ASN A 64 39.10 5.02 14.10
N PHE A 65 38.35 4.09 14.69
CA PHE A 65 36.94 3.94 14.37
C PHE A 65 36.19 3.75 15.68
N THR A 66 34.90 4.05 15.68
CA THR A 66 34.13 3.91 16.89
C THR A 66 32.91 3.08 16.68
N ALA A 67 32.50 2.38 17.73
CA ALA A 67 31.31 1.55 17.70
C ALA A 67 30.41 2.13 18.76
N GLU A 68 29.39 2.87 18.33
CA GLU A 68 28.46 3.47 19.29
C GLU A 68 27.26 2.57 19.58
N LEU A 69 27.04 2.29 20.87
CA LEU A 69 25.93 1.44 21.30
C LEU A 69 24.98 2.18 22.24
N PHE A 70 23.74 2.39 21.80
CA PHE A 70 22.74 3.06 22.62
C PHE A 70 21.62 2.10 23.02
N PHE A 71 21.13 2.25 24.25
CA PHE A 71 20.05 1.40 24.74
C PHE A 71 18.92 2.28 25.26
N ASP A 72 17.70 1.77 25.29
CA ASP A 72 16.60 2.56 25.79
C ASP A 72 16.39 2.34 27.28
N SER A 73 15.32 2.91 27.81
CA SER A 73 14.96 2.81 29.22
C SER A 73 14.85 1.39 29.78
N THR A 74 14.78 0.39 28.90
CA THR A 74 14.62 -0.99 29.34
C THR A 74 15.87 -1.87 29.17
N GLY A 75 16.86 -1.37 28.44
CA GLY A 75 18.09 -2.11 28.24
C GLY A 75 18.18 -2.72 26.85
N ASN A 76 17.31 -2.26 25.94
CA ASN A 76 17.28 -2.79 24.59
C ASN A 76 18.05 -1.95 23.60
N LEU A 77 18.84 -2.61 22.76
CA LEU A 77 19.65 -1.92 21.77
C LEU A 77 18.78 -1.05 20.86
N LEU A 78 19.15 0.22 20.72
CA LEU A 78 18.54 1.09 19.74
C LEU A 78 19.22 0.96 18.38
N THR A 79 18.65 0.11 17.52
CA THR A 79 19.37 -0.42 16.38
C THR A 79 19.65 0.66 15.34
N ARG A 80 18.68 1.54 15.14
CA ARG A 80 18.81 2.62 14.16
C ARG A 80 19.84 3.65 14.57
N LEU A 81 20.09 3.78 15.86
CA LEU A 81 21.07 4.74 16.38
C LEU A 81 22.44 4.12 16.61
N SER A 82 22.47 2.80 16.78
CA SER A 82 23.72 2.12 17.08
C SER A 82 24.49 1.54 15.90
N SER A 83 25.74 1.15 16.14
CA SER A 83 26.58 0.58 15.09
C SER A 83 26.20 -0.88 14.96
N LEU A 84 25.86 -1.48 16.10
CA LEU A 84 25.44 -2.87 16.11
C LEU A 84 24.02 -2.82 15.60
N LYS A 85 23.79 -3.30 14.38
CA LYS A 85 22.48 -3.25 13.77
C LYS A 85 21.53 -4.38 14.09
N THR A 86 21.93 -5.27 14.98
CA THR A 86 21.08 -6.38 15.36
C THR A 86 21.21 -6.63 16.85
N PRO A 87 20.07 -6.66 17.54
CA PRO A 87 19.89 -6.87 18.97
C PRO A 87 20.80 -7.92 19.58
N LEU A 88 20.96 -7.83 20.90
CA LEU A 88 21.76 -8.78 21.66
C LEU A 88 20.74 -9.70 22.30
N ASN A 89 21.19 -10.82 22.86
CA ASN A 89 20.25 -11.71 23.54
C ASN A 89 21.05 -12.64 24.44
N HIS A 90 20.34 -13.55 25.11
CA HIS A 90 20.97 -14.47 26.05
C HIS A 90 21.72 -15.58 25.32
N LYS A 91 22.51 -16.34 26.06
CA LYS A 91 23.31 -17.42 25.48
C LYS A 91 22.41 -18.60 25.08
N SER A 92 22.65 -19.15 23.90
CA SER A 92 22.00 -20.39 23.49
C SER A 92 22.91 -21.20 22.56
N GLY A 93 23.63 -22.16 23.15
CA GLY A 93 24.92 -22.57 22.62
C GLY A 93 25.78 -21.40 22.19
N GLN A 94 26.30 -21.46 20.97
CA GLN A 94 27.22 -20.44 20.48
C GLN A 94 26.47 -19.30 19.80
N ASN A 95 25.16 -19.25 20.03
CA ASN A 95 24.29 -18.33 19.31
C ASN A 95 23.43 -17.49 20.24
N MET A 96 22.75 -16.50 19.68
CA MET A 96 21.84 -15.67 20.45
C MET A 96 20.52 -16.42 20.61
N ALA A 97 19.98 -16.37 21.82
CA ALA A 97 18.71 -17.02 22.10
C ALA A 97 17.66 -16.24 21.34
N THR A 98 16.45 -16.75 21.30
CA THR A 98 15.39 -16.06 20.58
C THR A 98 14.14 -15.90 21.43
N GLY A 99 14.16 -14.92 22.33
CA GLY A 99 13.02 -14.69 23.19
C GLY A 99 13.18 -13.43 24.02
N ALA A 100 12.31 -13.26 25.00
CA ALA A 100 12.33 -12.09 25.86
C ALA A 100 13.62 -12.06 26.67
N ILE A 101 14.27 -10.92 26.71
CA ILE A 101 15.50 -10.78 27.48
C ILE A 101 15.16 -10.58 28.95
N THR A 102 15.71 -11.43 29.80
CA THR A 102 15.45 -11.36 31.22
C THR A 102 16.40 -10.38 31.93
N ASN A 103 15.83 -9.26 32.38
CA ASN A 103 16.58 -8.24 33.08
C ASN A 103 17.70 -7.55 32.33
N ALA A 104 17.40 -7.05 31.13
CA ALA A 104 18.40 -6.36 30.35
C ALA A 104 19.01 -5.20 31.15
N LYS A 105 18.18 -4.38 31.80
CA LYS A 105 18.68 -3.25 32.59
C LYS A 105 19.93 -3.65 33.34
N GLY A 106 19.84 -4.82 33.98
CA GLY A 106 20.94 -5.34 34.77
C GLY A 106 22.30 -5.35 34.08
N PHE A 107 22.32 -5.34 32.75
CA PHE A 107 23.56 -5.35 31.99
C PHE A 107 24.05 -3.95 31.60
N MET A 108 23.20 -2.94 31.79
CA MET A 108 23.54 -1.59 31.41
C MET A 108 24.55 -0.91 32.34
N PRO A 109 25.35 0.02 31.81
CA PRO A 109 26.32 0.70 32.66
C PRO A 109 25.60 1.67 33.58
N SER A 110 25.61 1.35 34.88
CA SER A 110 24.97 2.17 35.91
C SER A 110 25.07 3.67 35.70
N THR A 111 23.92 4.35 35.76
CA THR A 111 23.90 5.80 35.62
C THR A 111 24.40 6.45 36.91
N THR A 112 24.35 5.70 38.02
CA THR A 112 24.82 6.18 39.32
C THR A 112 26.35 6.27 39.30
N ALA A 113 27.00 5.25 38.75
CA ALA A 113 28.45 5.23 38.66
C ALA A 113 28.97 6.02 37.47
N TYR A 114 28.24 5.99 36.36
CA TYR A 114 28.63 6.71 35.15
C TYR A 114 27.40 7.54 34.80
N PRO A 115 27.42 8.81 35.17
CA PRO A 115 26.30 9.71 34.92
C PRO A 115 26.25 10.43 33.57
N PHE A 116 25.17 11.19 33.41
CA PHE A 116 24.95 11.98 32.23
C PHE A 116 25.11 13.43 32.60
N ASN A 117 25.71 14.19 31.69
CA ASN A 117 25.94 15.61 31.86
C ASN A 117 26.41 16.12 33.22
N ASP A 118 27.30 15.39 33.88
CA ASP A 118 27.82 15.87 35.15
C ASP A 118 29.30 16.14 34.89
N ASN A 119 29.61 17.40 34.58
CA ASN A 119 30.97 17.79 34.29
C ASN A 119 31.93 17.66 35.45
N SER A 120 31.40 17.60 36.66
CA SER A 120 32.25 17.47 37.84
C SER A 120 32.69 16.00 38.02
N ARG A 121 32.01 15.09 37.34
CA ARG A 121 32.33 13.67 37.43
C ARG A 121 32.67 13.05 36.09
N GLU A 122 32.77 13.90 35.08
CA GLU A 122 33.11 13.48 33.73
C GLU A 122 34.23 12.47 33.70
N LYS A 123 35.36 12.81 34.30
CA LYS A 123 36.51 11.89 34.27
C LYS A 123 36.13 10.45 34.60
N GLU A 124 35.11 10.28 35.43
CA GLU A 124 34.66 8.95 35.85
C GLU A 124 33.92 8.14 34.79
N ASN A 125 33.68 8.74 33.61
CA ASN A 125 32.97 8.07 32.51
C ASN A 125 33.89 7.36 31.52
N TYR A 126 35.18 7.27 31.83
CA TYR A 126 36.11 6.65 30.90
C TYR A 126 36.83 5.36 31.34
N ILE A 127 37.06 4.50 30.34
CA ILE A 127 37.76 3.23 30.51
C ILE A 127 38.75 3.19 29.35
N TYR A 128 39.98 2.77 29.63
CA TYR A 128 41.00 2.65 28.59
C TYR A 128 41.66 1.28 28.63
N GLY A 129 42.32 0.91 27.54
CA GLY A 129 43.22 -0.24 27.55
C GLY A 129 43.80 -0.51 26.17
N THR A 130 44.34 -1.72 25.99
CA THR A 130 44.97 -2.09 24.74
C THR A 130 44.44 -3.42 24.22
N CYS A 131 44.16 -3.48 22.93
CA CYS A 131 44.11 -4.74 22.21
C CYS A 131 45.15 -4.81 21.11
N TYR A 132 45.30 -5.99 20.51
CA TYR A 132 46.36 -6.23 19.53
C TYR A 132 45.80 -6.79 18.24
N TYR A 133 46.10 -6.12 17.13
CA TYR A 133 45.99 -6.73 15.81
C TYR A 133 47.21 -7.58 15.50
N THR A 134 46.99 -8.86 15.22
CA THR A 134 48.07 -9.77 14.93
C THR A 134 48.32 -9.76 13.42
N ALA A 135 49.39 -9.08 13.05
CA ALA A 135 49.82 -8.90 11.68
C ALA A 135 50.32 -10.15 10.96
N SER A 136 50.45 -10.01 9.65
CA SER A 136 50.92 -11.05 8.75
C SER A 136 52.22 -11.71 9.23
N ASP A 137 53.28 -10.93 9.38
CA ASP A 137 54.56 -11.46 9.83
C ASP A 137 54.49 -11.92 11.28
N ARG A 138 53.26 -12.12 11.77
CA ARG A 138 53.00 -12.59 13.13
C ARG A 138 53.33 -11.66 14.30
N THR A 139 53.73 -10.42 14.03
CA THR A 139 54.03 -9.49 15.10
C THR A 139 52.74 -8.94 15.69
N ALA A 140 52.81 -8.53 16.95
CA ALA A 140 51.64 -7.99 17.66
C ALA A 140 51.57 -6.48 17.53
N PHE A 141 50.57 -5.99 16.82
CA PHE A 141 50.41 -4.55 16.63
C PHE A 141 49.40 -4.03 17.65
N PRO A 142 49.86 -3.22 18.61
CA PRO A 142 48.96 -2.68 19.63
C PRO A 142 48.02 -1.62 19.09
N ILE A 143 46.77 -1.69 19.53
CA ILE A 143 45.73 -0.75 19.14
C ILE A 143 45.18 -0.13 20.42
N ASP A 144 45.06 1.20 20.46
CA ASP A 144 44.55 1.87 21.65
C ASP A 144 43.03 1.84 21.74
N ILE A 145 42.51 1.61 22.95
CA ILE A 145 41.06 1.55 23.16
C ILE A 145 40.59 2.53 24.23
N SER A 146 39.61 3.35 23.88
CA SER A 146 39.02 4.31 24.82
C SER A 146 37.56 3.89 24.95
N VAL A 147 36.99 3.97 26.14
CA VAL A 147 35.60 3.59 26.29
C VAL A 147 34.88 4.63 27.09
N MET A 148 33.76 5.12 26.56
CA MET A 148 33.00 6.13 27.26
C MET A 148 31.67 5.53 27.65
N LEU A 149 31.42 5.50 28.95
CA LEU A 149 30.16 4.95 29.47
C LEU A 149 29.12 6.06 29.60
N ASN A 150 28.02 5.87 28.88
CA ASN A 150 26.90 6.82 28.83
C ASN A 150 27.07 8.21 29.44
N ARG A 151 27.87 9.07 28.81
CA ARG A 151 28.06 10.42 29.34
C ARG A 151 27.13 11.41 28.66
N ARG A 152 27.03 11.28 27.34
CA ARG A 152 26.17 12.14 26.53
C ARG A 152 25.09 11.27 25.90
N ALA A 153 23.84 11.67 26.09
CA ALA A 153 22.71 10.95 25.52
C ALA A 153 22.48 11.56 24.14
N ILE A 154 21.98 10.75 23.20
CA ILE A 154 21.76 11.23 21.85
C ILE A 154 20.39 11.80 21.53
N ASN A 155 19.41 11.50 22.38
CA ASN A 155 18.05 12.03 22.24
C ASN A 155 17.18 11.52 23.37
N ASP A 156 15.87 11.71 23.26
CA ASP A 156 14.96 11.29 24.31
C ASP A 156 14.74 9.78 24.47
N GLU A 157 15.44 8.97 23.66
CA GLU A 157 15.31 7.52 23.75
C GLU A 157 16.52 6.83 24.39
N THR A 158 17.71 7.34 24.09
CA THR A 158 18.94 6.76 24.61
C THR A 158 19.07 6.93 26.13
N SER A 159 18.73 5.87 26.86
CA SER A 159 18.81 5.85 28.32
C SER A 159 20.16 5.42 28.86
N TYR A 160 20.94 4.72 28.04
CA TYR A 160 22.28 4.27 28.40
C TYR A 160 23.13 4.30 27.15
N CYS A 161 24.46 4.35 27.30
CA CYS A 161 25.36 4.38 26.15
C CYS A 161 26.69 3.73 26.42
N ILE A 162 27.22 3.06 25.40
CA ILE A 162 28.52 2.39 25.49
C ILE A 162 29.19 2.68 24.16
N ARG A 163 30.27 3.46 24.19
CA ARG A 163 30.98 3.80 22.97
C ARG A 163 32.43 3.31 23.01
N ILE A 164 32.74 2.29 22.24
CA ILE A 164 34.13 1.79 22.23
C ILE A 164 34.83 2.43 21.03
N THR A 165 36.09 2.81 21.18
CA THR A 165 36.82 3.38 20.06
C THR A 165 38.29 2.96 19.96
N TRP A 166 38.60 2.23 18.88
CA TRP A 166 39.94 1.71 18.60
C TRP A 166 40.75 2.74 17.81
N SER A 167 42.06 2.80 18.06
CA SER A 167 42.88 3.74 17.32
C SER A 167 44.35 3.40 17.36
N TRP A 168 45.07 3.93 16.38
CA TRP A 168 46.50 3.73 16.29
C TRP A 168 47.07 4.78 15.35
N ASN A 169 48.28 5.23 15.66
CA ASN A 169 48.96 6.25 14.87
C ASN A 169 50.46 6.13 15.08
N THR A 170 51.11 5.36 14.22
CA THR A 170 52.56 5.16 14.33
C THR A 170 53.32 5.63 13.08
N GLY A 171 54.59 5.27 13.00
CA GLY A 171 55.38 5.66 11.84
C GLY A 171 55.02 4.83 10.63
N ASP A 172 54.63 3.57 10.86
CA ASP A 172 54.27 2.67 9.77
C ASP A 172 52.94 1.97 10.00
N ALA A 173 52.24 1.67 8.91
CA ALA A 173 50.96 0.99 9.00
C ALA A 173 51.24 -0.47 9.37
N PRO A 174 50.30 -1.10 10.12
CA PRO A 174 50.47 -2.49 10.54
C PRO A 174 50.48 -3.48 9.38
N GLU A 175 50.34 -2.99 8.15
CA GLU A 175 50.32 -3.85 6.97
C GLU A 175 50.72 -3.14 5.67
N VAL A 176 50.78 -3.92 4.60
CA VAL A 176 51.12 -3.39 3.29
C VAL A 176 50.33 -4.12 2.20
N GLN A 177 49.96 -3.37 1.17
CA GLN A 177 49.20 -3.89 0.04
C GLN A 177 49.22 -5.41 -0.14
N THR A 178 50.40 -5.96 -0.39
CA THR A 178 50.56 -7.39 -0.64
C THR A 178 50.29 -8.32 0.53
N SER A 179 50.32 -7.80 1.75
CA SER A 179 50.12 -8.65 2.93
C SER A 179 48.78 -8.50 3.60
N ALA A 180 48.13 -7.36 3.44
CA ALA A 180 46.83 -7.15 4.06
C ALA A 180 45.84 -8.30 3.80
N THR A 181 44.87 -8.42 4.70
CA THR A 181 43.84 -9.46 4.63
C THR A 181 42.58 -8.98 5.38
N THR A 182 42.43 -9.38 6.64
CA THR A 182 41.29 -8.96 7.44
C THR A 182 41.75 -8.13 8.63
N LEU A 183 40.91 -7.20 9.07
CA LEU A 183 41.22 -6.36 10.22
C LEU A 183 40.51 -7.00 11.39
N VAL A 184 41.32 -7.53 12.31
CA VAL A 184 40.80 -8.21 13.49
C VAL A 184 41.47 -7.73 14.77
N THR A 185 40.69 -7.44 15.78
CA THR A 185 41.25 -7.01 17.05
C THR A 185 41.16 -8.19 18.01
N SER A 186 42.04 -8.20 19.00
CA SER A 186 42.00 -9.27 19.98
C SER A 186 40.96 -8.89 21.01
N PRO A 187 40.37 -9.89 21.68
CA PRO A 187 39.35 -9.62 22.68
C PRO A 187 39.84 -8.57 23.67
N PHE A 188 39.02 -7.54 23.92
CA PHE A 188 39.37 -6.52 24.91
C PHE A 188 38.31 -6.63 25.98
N THR A 189 38.73 -6.99 27.19
CA THR A 189 37.83 -7.18 28.32
C THR A 189 37.94 -6.06 29.32
N PHE A 190 36.82 -5.40 29.61
CA PHE A 190 36.83 -4.33 30.58
C PHE A 190 35.68 -4.53 31.54
N TYR A 191 35.67 -3.74 32.62
CA TYR A 191 34.65 -3.84 33.66
C TYR A 191 33.94 -2.54 34.00
N TYR A 192 32.71 -2.64 34.48
CA TYR A 192 31.95 -1.47 34.88
C TYR A 192 30.82 -1.85 35.82
N ILE A 193 30.47 -0.91 36.71
CA ILE A 193 29.39 -1.09 37.68
C ILE A 193 28.10 -1.12 36.89
N ARG A 194 27.23 -2.08 37.18
CA ARG A 194 25.98 -2.19 36.44
C ARG A 194 24.77 -1.49 37.07
N GLU A 195 23.85 -1.07 36.21
CA GLU A 195 22.64 -0.43 36.69
C GLU A 195 21.86 -1.53 37.42
N ASP A 196 20.91 -1.13 38.24
CA ASP A 196 20.11 -2.10 38.95
C ASP A 196 18.99 -2.53 38.04
N ASP A 197 18.51 -3.74 38.22
CA ASP A 197 17.42 -4.26 37.40
C ASP A 197 16.15 -3.42 37.66
N ASP B 1 -0.19 4.83 -14.19
CA ASP B 1 -0.52 3.72 -15.13
C ASP B 1 -1.70 2.88 -14.61
N ASN B 2 -2.87 3.52 -14.58
CA ASN B 2 -4.12 2.91 -14.12
C ASN B 2 -5.02 2.61 -15.32
N ILE B 3 -4.43 2.49 -16.50
CA ILE B 3 -5.22 2.22 -17.70
C ILE B 3 -5.62 0.76 -17.83
N ASN B 4 -5.39 -0.02 -16.78
CA ASN B 4 -5.83 -1.41 -16.74
C ASN B 4 -7.18 -1.57 -16.02
N THR B 5 -7.68 -0.47 -15.46
CA THR B 5 -9.00 -0.46 -14.86
C THR B 5 -9.94 0.48 -15.61
N LEU B 6 -11.11 -0.04 -15.97
CA LEU B 6 -12.18 0.80 -16.50
C LEU B 6 -13.46 0.68 -15.67
N TRP B 7 -13.63 1.60 -14.73
CA TRP B 7 -14.54 1.38 -13.61
C TRP B 7 -15.41 2.61 -13.37
N THR B 8 -16.41 2.46 -12.51
CA THR B 8 -17.35 3.53 -12.22
C THR B 8 -16.81 4.48 -11.16
N GLY B 9 -15.66 4.12 -10.59
CA GLY B 9 -15.08 4.88 -9.50
C GLY B 9 -15.73 4.39 -8.22
N VAL B 10 -15.09 4.57 -7.09
CA VAL B 10 -15.64 4.11 -5.82
C VAL B 10 -16.81 4.98 -5.35
N ASN B 11 -17.79 4.34 -4.73
CA ASN B 11 -18.97 4.98 -4.18
C ASN B 11 -19.18 6.43 -4.61
N PRO B 12 -19.93 6.64 -5.71
CA PRO B 12 -20.28 7.94 -6.32
C PRO B 12 -21.23 8.78 -5.48
N THR B 13 -21.08 10.10 -5.56
CA THR B 13 -21.94 11.00 -4.81
C THR B 13 -23.41 10.71 -5.10
N GLU B 14 -23.83 10.94 -6.33
CA GLU B 14 -25.22 10.67 -6.70
C GLU B 14 -25.37 9.32 -7.40
N ALA B 15 -26.58 8.76 -7.36
CA ALA B 15 -26.87 7.48 -8.01
C ALA B 15 -26.46 7.59 -9.49
N ASN B 16 -25.90 6.53 -10.04
CA ASN B 16 -25.46 6.55 -11.42
C ASN B 16 -26.22 5.57 -12.31
N CYS B 17 -27.01 4.72 -11.68
CA CYS B 17 -27.74 3.72 -12.41
C CYS B 17 -29.24 3.78 -12.17
N GLN B 18 -29.99 3.40 -13.20
CA GLN B 18 -31.44 3.36 -13.13
C GLN B 18 -31.80 1.94 -13.49
N ILE B 19 -31.92 1.12 -12.46
CA ILE B 19 -32.21 -0.27 -12.66
C ILE B 19 -33.69 -0.58 -12.78
N MET B 20 -34.51 0.09 -12.00
CA MET B 20 -35.95 -0.16 -12.06
C MET B 20 -36.64 0.61 -13.17
N ASN B 21 -37.34 -0.13 -14.03
CA ASN B 21 -38.07 0.45 -15.15
C ASN B 21 -39.30 1.17 -14.63
N SER B 22 -39.86 0.62 -13.54
CA SER B 22 -41.04 1.22 -12.90
C SER B 22 -40.56 2.51 -12.34
N SER B 23 -39.48 3.02 -12.87
CA SER B 23 -39.00 4.16 -12.21
C SER B 23 -38.54 5.21 -13.10
N GLU B 24 -37.97 6.24 -12.48
CA GLU B 24 -37.23 7.25 -13.22
C GLU B 24 -36.35 8.08 -12.29
N SER B 25 -35.26 8.63 -12.83
CA SER B 25 -34.14 9.07 -12.02
C SER B 25 -33.41 7.89 -11.40
N ASN B 26 -32.28 7.53 -11.99
CA ASN B 26 -31.32 6.64 -11.34
C ASN B 26 -31.74 6.27 -9.93
N ASP B 27 -32.14 5.01 -9.74
CA ASP B 27 -32.69 4.57 -8.47
C ASP B 27 -31.59 4.02 -7.56
N CYS B 28 -30.48 3.61 -8.16
CA CYS B 28 -29.35 3.06 -7.41
C CYS B 28 -27.98 3.56 -7.83
N LYS B 29 -26.97 3.05 -7.15
CA LYS B 29 -25.60 3.43 -7.43
C LYS B 29 -24.81 2.17 -7.77
N LEU B 30 -24.69 1.87 -9.06
CA LEU B 30 -23.99 0.67 -9.55
C LEU B 30 -22.47 0.79 -9.61
N ILE B 31 -21.77 -0.04 -8.84
CA ILE B 31 -20.31 0.00 -8.86
C ILE B 31 -19.79 -1.09 -9.79
N LEU B 32 -18.99 -0.70 -10.79
CA LEU B 32 -18.44 -1.68 -11.72
C LEU B 32 -16.97 -1.47 -12.04
N THR B 33 -16.20 -2.56 -11.94
CA THR B 33 -14.77 -2.51 -12.19
C THR B 33 -14.32 -3.65 -13.10
N LEU B 34 -13.80 -3.28 -14.26
CA LEU B 34 -13.28 -4.23 -15.24
C LEU B 34 -11.77 -4.02 -15.23
N VAL B 35 -11.01 -5.08 -14.97
CA VAL B 35 -9.56 -4.97 -14.94
C VAL B 35 -8.93 -5.93 -15.93
N LYS B 36 -8.00 -5.43 -16.72
CA LYS B 36 -7.34 -6.27 -17.70
C LYS B 36 -6.33 -7.16 -17.01
N THR B 37 -6.62 -8.45 -17.00
CA THR B 37 -5.73 -9.43 -16.40
C THR B 37 -5.53 -10.56 -17.41
N GLY B 38 -4.43 -10.50 -18.14
CA GLY B 38 -4.13 -11.50 -19.15
C GLY B 38 -5.15 -11.43 -20.26
N ALA B 39 -5.43 -12.57 -20.89
CA ALA B 39 -6.39 -12.63 -21.99
C ALA B 39 -7.82 -12.53 -21.46
N LEU B 40 -7.94 -12.34 -20.15
CA LEU B 40 -9.24 -12.23 -19.50
C LEU B 40 -9.49 -10.84 -18.90
N VAL B 41 -10.74 -10.63 -18.50
CA VAL B 41 -11.13 -9.39 -17.85
C VAL B 41 -11.77 -9.83 -16.55
N THR B 42 -11.38 -9.18 -15.46
CA THR B 42 -11.92 -9.49 -14.14
C THR B 42 -13.03 -8.47 -13.94
N ALA B 43 -14.25 -8.97 -13.82
CA ALA B 43 -15.41 -8.10 -13.63
C ALA B 43 -15.76 -8.14 -12.16
N PHE B 44 -15.91 -6.97 -11.58
CA PHE B 44 -16.23 -6.82 -10.17
C PHE B 44 -17.47 -5.93 -10.13
N VAL B 45 -18.56 -6.43 -9.56
CA VAL B 45 -19.77 -5.63 -9.55
C VAL B 45 -20.73 -5.89 -8.41
N TYR B 46 -21.45 -4.84 -8.05
CA TYR B 46 -22.47 -4.90 -7.00
C TYR B 46 -23.29 -3.62 -7.06
N VAL B 47 -24.33 -3.51 -6.25
CA VAL B 47 -25.15 -2.30 -6.29
C VAL B 47 -25.54 -1.72 -4.93
N ILE B 48 -25.54 -0.40 -4.87
CA ILE B 48 -25.93 0.36 -3.67
C ILE B 48 -27.26 1.07 -3.95
N GLY B 49 -28.34 0.56 -3.36
CA GLY B 49 -29.62 1.20 -3.59
C GLY B 49 -29.66 2.62 -3.05
N VAL B 50 -30.35 3.53 -3.73
CA VAL B 50 -30.43 4.92 -3.24
C VAL B 50 -31.88 5.41 -3.11
N SER B 51 -32.72 5.11 -4.08
CA SER B 51 -34.11 5.55 -4.03
C SER B 51 -34.92 4.63 -3.13
N ASN B 52 -35.81 5.24 -2.36
CA ASN B 52 -36.69 4.52 -1.42
C ASN B 52 -37.41 3.31 -2.02
N ASN B 53 -37.87 3.43 -3.26
CA ASN B 53 -38.57 2.33 -3.87
C ASN B 53 -37.67 1.10 -4.03
N PHE B 54 -36.51 1.31 -4.62
CA PHE B 54 -35.57 0.22 -4.83
C PHE B 54 -35.17 -0.37 -3.49
N ASN B 55 -34.86 0.48 -2.53
CA ASN B 55 -34.46 0.00 -1.20
C ASN B 55 -35.52 -0.87 -0.55
N MET B 56 -36.78 -0.66 -0.90
CA MET B 56 -37.87 -1.42 -0.29
C MET B 56 -38.18 -2.77 -0.90
N LEU B 57 -37.40 -3.20 -1.90
CA LEU B 57 -37.65 -4.49 -2.52
C LEU B 57 -37.30 -5.60 -1.55
N THR B 58 -36.39 -5.32 -0.62
CA THR B 58 -35.96 -6.33 0.34
C THR B 58 -37.11 -6.87 1.17
N THR B 59 -38.26 -6.20 1.09
CA THR B 59 -39.43 -6.63 1.84
C THR B 59 -40.30 -7.51 0.98
N HIS B 60 -39.77 -7.91 -0.18
CA HIS B 60 -40.51 -8.76 -1.10
C HIS B 60 -39.95 -10.17 -1.20
N ARG B 61 -40.88 -11.12 -1.28
CA ARG B 61 -40.56 -12.54 -1.33
C ARG B 61 -39.96 -13.06 -2.64
N ASN B 62 -40.21 -12.35 -3.74
CA ASN B 62 -39.69 -12.79 -5.02
C ASN B 62 -39.36 -11.60 -5.90
N ILE B 63 -38.08 -11.34 -6.07
CA ILE B 63 -37.62 -10.21 -6.85
C ILE B 63 -36.56 -10.59 -7.90
N ASN B 64 -36.19 -9.61 -8.70
CA ASN B 64 -35.17 -9.74 -9.74
C ASN B 64 -35.13 -8.45 -10.56
N PHE B 65 -33.93 -7.92 -10.77
CA PHE B 65 -33.74 -6.72 -11.53
C PHE B 65 -32.53 -6.92 -12.43
N THR B 66 -32.45 -6.16 -13.50
CA THR B 66 -31.35 -6.31 -14.41
C THR B 66 -30.68 -5.01 -14.69
N ALA B 67 -29.38 -5.09 -14.95
CA ALA B 67 -28.59 -3.93 -15.27
C ALA B 67 -28.05 -4.19 -16.65
N GLU B 68 -28.61 -3.51 -17.65
CA GLU B 68 -28.16 -3.71 -19.03
C GLU B 68 -27.10 -2.71 -19.43
N LEU B 69 -25.95 -3.22 -19.88
CA LEU B 69 -24.85 -2.38 -20.32
C LEU B 69 -24.48 -2.62 -21.79
N PHE B 70 -24.68 -1.59 -22.62
CA PHE B 70 -24.34 -1.66 -24.05
C PHE B 70 -23.18 -0.74 -24.39
N PHE B 71 -22.31 -1.22 -25.28
CA PHE B 71 -21.16 -0.45 -25.72
C PHE B 71 -21.15 -0.36 -27.25
N ASP B 72 -20.52 0.67 -27.79
CA ASP B 72 -20.46 0.78 -29.23
C ASP B 72 -19.22 0.09 -29.81
N SER B 73 -19.01 0.28 -31.10
CA SER B 73 -17.88 -0.28 -31.82
C SER B 73 -16.49 0.03 -31.25
N THR B 74 -16.41 1.03 -30.38
CA THR B 74 -15.14 1.43 -29.80
C THR B 74 -14.92 1.04 -28.33
N GLY B 75 -15.99 0.60 -27.67
CA GLY B 75 -15.89 0.19 -26.27
C GLY B 75 -16.46 1.25 -25.33
N ASN B 76 -17.23 2.18 -25.88
CA ASN B 76 -17.82 3.23 -25.07
C ASN B 76 -19.24 2.97 -24.67
N LEU B 77 -19.53 3.21 -23.40
CA LEU B 77 -20.86 2.99 -22.88
C LEU B 77 -21.90 3.80 -23.65
N LEU B 78 -23.00 3.12 -23.98
CA LEU B 78 -24.11 3.74 -24.67
C LEU B 78 -25.08 4.09 -23.54
N THR B 79 -24.90 5.28 -22.99
CA THR B 79 -25.69 5.76 -21.86
C THR B 79 -27.21 5.78 -22.02
N ARG B 80 -27.70 6.25 -23.15
CA ARG B 80 -29.13 6.30 -23.36
C ARG B 80 -29.77 4.91 -23.42
N LEU B 81 -29.00 3.91 -23.81
CA LEU B 81 -29.50 2.54 -23.91
C LEU B 81 -29.20 1.71 -22.67
N SER B 82 -28.21 2.13 -21.89
CA SER B 82 -27.80 1.37 -20.72
C SER B 82 -28.38 1.82 -19.38
N SER B 83 -28.24 0.98 -18.36
CA SER B 83 -28.76 1.28 -17.03
C SER B 83 -27.76 2.23 -16.36
N LEU B 84 -26.49 2.01 -16.66
CA LEU B 84 -25.45 2.86 -16.12
C LEU B 84 -25.55 4.13 -16.96
N LYS B 85 -26.03 5.21 -16.36
CA LYS B 85 -26.21 6.46 -17.09
C LYS B 85 -25.00 7.38 -17.19
N THR B 86 -23.87 6.92 -16.70
CA THR B 86 -22.67 7.73 -16.76
C THR B 86 -21.47 6.84 -17.09
N PRO B 87 -20.71 7.23 -18.12
CA PRO B 87 -19.53 6.57 -18.65
C PRO B 87 -18.60 6.00 -17.62
N LEU B 88 -17.75 5.07 -18.06
CA LEU B 88 -16.75 4.45 -17.20
C LEU B 88 -15.46 5.13 -17.60
N ASN B 89 -14.41 4.98 -16.80
CA ASN B 89 -13.13 5.55 -17.16
C ASN B 89 -12.03 4.85 -16.39
N HIS B 90 -10.79 5.30 -16.59
CA HIS B 90 -9.64 4.68 -15.93
C HIS B 90 -9.56 5.08 -14.47
N LYS B 91 -8.69 4.39 -13.72
CA LYS B 91 -8.53 4.65 -12.29
C LYS B 91 -7.81 5.98 -12.06
N SER B 92 -8.34 6.77 -11.13
CA SER B 92 -7.65 7.97 -10.67
C SER B 92 -7.93 8.24 -9.20
N GLY B 93 -7.03 7.79 -8.34
CA GLY B 93 -7.39 7.42 -6.98
C GLY B 93 -8.67 6.59 -6.92
N GLN B 94 -9.59 7.01 -6.06
CA GLN B 94 -10.83 6.26 -5.85
C GLN B 94 -11.92 6.73 -6.82
N ASN B 95 -11.52 7.47 -7.85
CA ASN B 95 -12.47 8.11 -8.75
C ASN B 95 -12.19 7.77 -10.21
N MET B 96 -13.11 8.17 -11.08
CA MET B 96 -12.94 7.98 -12.51
C MET B 96 -12.04 9.07 -13.04
N ALA B 97 -11.10 8.70 -13.90
CA ALA B 97 -10.19 9.65 -14.50
C ALA B 97 -11.04 10.50 -15.43
N THR B 98 -10.47 11.56 -15.98
CA THR B 98 -11.22 12.44 -16.86
C THR B 98 -10.45 12.71 -18.13
N GLY B 99 -10.50 11.75 -19.06
CA GLY B 99 -9.80 11.89 -20.31
C GLY B 99 -10.11 10.77 -21.28
N ALA B 100 -9.35 10.69 -22.36
CA ALA B 100 -9.56 9.67 -23.38
C ALA B 100 -9.26 8.31 -22.80
N ILE B 101 -10.16 7.36 -23.05
CA ILE B 101 -9.98 6.00 -22.56
C ILE B 101 -9.01 5.26 -23.48
N THR B 102 -7.95 4.72 -22.88
CA THR B 102 -6.96 4.00 -23.64
C THR B 102 -7.34 2.53 -23.83
N ASN B 103 -7.64 2.19 -25.07
CA ASN B 103 -8.00 0.82 -25.43
C ASN B 103 -9.24 0.23 -24.79
N ALA B 104 -10.34 0.96 -24.84
CA ALA B 104 -11.58 0.45 -24.26
C ALA B 104 -11.93 -0.93 -24.84
N LYS B 105 -11.87 -1.07 -26.17
CA LYS B 105 -12.20 -2.36 -26.80
C LYS B 105 -11.65 -3.50 -25.97
N GLY B 106 -10.40 -3.35 -25.54
CA GLY B 106 -9.72 -4.35 -24.74
C GLY B 106 -10.48 -4.85 -23.53
N PHE B 107 -11.43 -4.06 -23.04
CA PHE B 107 -12.23 -4.46 -21.89
C PHE B 107 -13.56 -5.12 -22.25
N MET B 108 -13.91 -5.08 -23.52
CA MET B 108 -15.17 -5.65 -23.97
C MET B 108 -15.20 -7.17 -24.03
N PRO B 109 -16.37 -7.78 -23.80
CA PRO B 109 -16.45 -9.23 -23.85
C PRO B 109 -16.30 -9.70 -25.29
N SER B 110 -15.19 -10.37 -25.58
CA SER B 110 -14.88 -10.89 -26.92
C SER B 110 -16.06 -11.45 -27.68
N THR B 111 -16.22 -11.00 -28.92
CA THR B 111 -17.31 -11.50 -29.75
C THR B 111 -16.95 -12.88 -30.26
N THR B 112 -15.67 -13.21 -30.28
CA THR B 112 -15.18 -14.52 -30.72
C THR B 112 -15.58 -15.60 -29.69
N ALA B 113 -15.40 -15.28 -28.42
CA ALA B 113 -15.75 -16.20 -27.34
C ALA B 113 -17.26 -16.16 -27.02
N TYR B 114 -17.87 -14.98 -27.11
CA TYR B 114 -19.29 -14.80 -26.82
C TYR B 114 -19.82 -14.10 -28.04
N PRO B 115 -20.44 -14.84 -28.94
CA PRO B 115 -21.00 -14.31 -30.18
C PRO B 115 -22.40 -13.76 -30.15
N PHE B 116 -22.80 -13.23 -31.31
CA PHE B 116 -24.11 -12.69 -31.50
C PHE B 116 -24.89 -13.64 -32.41
N ASN B 117 -26.17 -13.80 -32.11
CA ASN B 117 -27.07 -14.65 -32.87
C ASN B 117 -26.55 -16.00 -33.36
N ASP B 118 -25.80 -16.71 -32.54
CA ASP B 118 -25.34 -18.04 -32.95
C ASP B 118 -26.02 -19.00 -31.98
N ASN B 119 -27.16 -19.53 -32.40
CA ASN B 119 -27.91 -20.44 -31.56
C ASN B 119 -27.22 -21.74 -31.24
N SER B 120 -26.21 -22.10 -32.02
CA SER B 120 -25.48 -23.33 -31.77
C SER B 120 -24.45 -23.14 -30.66
N ARG B 121 -24.15 -21.89 -30.33
CA ARG B 121 -23.19 -21.57 -29.29
C ARG B 121 -23.81 -20.72 -28.17
N GLU B 122 -25.12 -20.55 -28.24
CA GLU B 122 -25.83 -19.77 -27.25
C GLU B 122 -25.40 -20.10 -25.82
N LYS B 123 -25.45 -21.37 -25.46
CA LYS B 123 -25.10 -21.76 -24.10
C LYS B 123 -23.81 -21.11 -23.60
N GLU B 124 -22.88 -20.84 -24.52
CA GLU B 124 -21.59 -20.24 -24.18
C GLU B 124 -21.62 -18.77 -23.81
N ASN B 125 -22.80 -18.13 -23.92
CA ASN B 125 -22.98 -16.71 -23.61
C ASN B 125 -23.40 -16.43 -22.16
N TYR B 126 -23.39 -17.46 -21.31
CA TYR B 126 -23.82 -17.27 -19.93
C TYR B 126 -22.80 -17.49 -18.81
N ILE B 127 -22.97 -16.70 -17.75
CA ILE B 127 -22.13 -16.75 -16.57
C ILE B 127 -23.12 -16.70 -15.41
N TYR B 128 -22.92 -17.55 -14.40
CA TYR B 128 -23.82 -17.55 -13.25
C TYR B 128 -23.03 -17.52 -11.98
N GLY B 129 -23.67 -17.12 -10.88
CA GLY B 129 -23.09 -17.25 -9.55
C GLY B 129 -23.95 -16.64 -8.48
N THR B 130 -23.36 -16.40 -7.31
CA THR B 130 -24.11 -15.94 -6.15
C THR B 130 -23.44 -14.74 -5.50
N CYS B 131 -24.25 -13.73 -5.17
CA CYS B 131 -23.87 -12.73 -4.18
C CYS B 131 -24.83 -12.74 -3.00
N TYR B 132 -24.50 -11.94 -1.98
CA TYR B 132 -25.16 -12.06 -0.68
C TYR B 132 -25.64 -10.70 -0.18
N TYR B 133 -26.90 -10.64 0.25
CA TYR B 133 -27.45 -9.40 0.79
C TYR B 133 -27.53 -9.44 2.31
N THR B 134 -26.59 -8.76 2.96
CA THR B 134 -26.40 -8.94 4.40
C THR B 134 -27.52 -8.20 5.15
N ALA B 135 -28.49 -8.99 5.60
CA ALA B 135 -29.66 -8.50 6.31
C ALA B 135 -29.41 -7.90 7.67
N SER B 136 -30.47 -7.27 8.18
CA SER B 136 -30.49 -6.61 9.47
C SER B 136 -29.98 -7.51 10.61
N ASP B 137 -30.63 -8.65 10.82
CA ASP B 137 -30.22 -9.57 11.88
C ASP B 137 -28.87 -10.21 11.56
N ARG B 138 -28.14 -9.60 10.64
CA ARG B 138 -26.81 -10.04 10.23
C ARG B 138 -26.68 -11.36 9.46
N THR B 139 -27.81 -11.96 9.09
CA THR B 139 -27.74 -13.21 8.34
C THR B 139 -27.42 -12.92 6.90
N ALA B 140 -26.83 -13.90 6.21
CA ALA B 140 -26.47 -13.75 4.81
C ALA B 140 -27.57 -14.26 3.89
N PHE B 141 -28.19 -13.35 3.15
CA PHE B 141 -29.27 -13.72 2.22
C PHE B 141 -28.70 -13.87 0.82
N PRO B 142 -28.66 -15.09 0.30
CA PRO B 142 -28.12 -15.33 -1.03
C PRO B 142 -29.02 -14.80 -2.13
N ILE B 143 -28.39 -14.20 -3.14
CA ILE B 143 -29.09 -13.64 -4.29
C ILE B 143 -28.49 -14.30 -5.54
N ASP B 144 -29.33 -14.79 -6.44
CA ASP B 144 -28.85 -15.44 -7.66
C ASP B 144 -28.46 -14.44 -8.75
N ILE B 145 -27.34 -14.72 -9.42
CA ILE B 145 -26.84 -13.85 -10.47
C ILE B 145 -26.66 -14.59 -11.80
N SER B 146 -27.24 -14.05 -12.85
CA SER B 146 -27.10 -14.62 -14.19
C SER B 146 -26.41 -13.53 -15.00
N VAL B 147 -25.52 -13.90 -15.90
CA VAL B 147 -24.86 -12.89 -16.70
C VAL B 147 -24.85 -13.31 -18.15
N MET B 148 -25.33 -12.43 -19.02
CA MET B 148 -25.37 -12.73 -20.44
C MET B 148 -24.39 -11.82 -21.16
N LEU B 149 -23.40 -12.42 -21.80
CA LEU B 149 -22.40 -11.67 -22.54
C LEU B 149 -22.84 -11.51 -23.98
N ASN B 150 -22.98 -10.25 -24.39
CA ASN B 150 -23.42 -9.84 -25.72
C ASN B 150 -23.97 -10.90 -26.67
N ARG B 151 -25.16 -11.43 -26.38
CA ARG B 151 -25.75 -12.42 -27.29
C ARG B 151 -26.71 -11.77 -28.29
N ARG B 152 -27.53 -10.86 -27.78
CA ARG B 152 -28.49 -10.14 -28.59
C ARG B 152 -28.11 -8.67 -28.58
N ALA B 153 -28.02 -8.09 -29.78
CA ALA B 153 -27.67 -6.68 -29.94
C ALA B 153 -28.99 -5.94 -29.94
N ILE B 154 -28.99 -4.70 -29.46
CA ILE B 154 -30.23 -3.95 -29.39
C ILE B 154 -30.54 -3.04 -30.59
N ASN B 155 -29.54 -2.78 -31.42
CA ASN B 155 -29.71 -1.97 -32.64
C ASN B 155 -28.38 -1.86 -33.35
N ASP B 156 -28.31 -0.98 -34.34
CA ASP B 156 -27.08 -0.83 -35.13
C ASP B 156 -25.91 -0.17 -34.42
N GLU B 157 -26.07 0.20 -33.15
CA GLU B 157 -24.99 0.84 -32.38
C GLU B 157 -24.34 -0.10 -31.36
N THR B 158 -25.15 -0.94 -30.71
CA THR B 158 -24.64 -1.85 -29.70
C THR B 158 -23.72 -2.91 -30.27
N SER B 159 -22.42 -2.69 -30.13
CA SER B 159 -21.40 -3.62 -30.63
C SER B 159 -21.02 -4.69 -29.61
N TYR B 160 -21.28 -4.42 -28.33
CA TYR B 160 -20.99 -5.37 -27.25
C TYR B 160 -22.09 -5.21 -26.19
N CYS B 161 -22.29 -6.22 -25.36
CA CYS B 161 -23.33 -6.15 -24.32
C CYS B 161 -22.97 -6.96 -23.09
N ILE B 162 -23.33 -6.41 -21.94
CA ILE B 162 -23.11 -7.07 -20.66
C ILE B 162 -24.38 -6.84 -19.86
N ARG B 163 -25.12 -7.91 -19.60
CA ARG B 163 -26.36 -7.81 -18.84
C ARG B 163 -26.30 -8.62 -17.54
N ILE B 164 -26.21 -7.95 -16.40
CA ILE B 164 -26.17 -8.65 -15.12
C ILE B 164 -27.59 -8.68 -14.57
N THR B 165 -28.02 -9.78 -13.97
CA THR B 165 -29.36 -9.84 -13.39
C THR B 165 -29.44 -10.60 -12.07
N TRP B 166 -29.79 -9.87 -11.01
CA TRP B 166 -29.92 -10.39 -9.65
C TRP B 166 -31.33 -10.89 -9.41
N SER B 167 -31.47 -11.94 -8.61
CA SER B 167 -32.81 -12.44 -8.33
C SER B 167 -32.86 -13.34 -7.12
N TRP B 168 -34.06 -13.44 -6.57
CA TRP B 168 -34.31 -14.27 -5.41
C TRP B 168 -35.80 -14.52 -5.29
N ASN B 169 -36.14 -15.71 -4.83
CA ASN B 169 -37.52 -16.13 -4.68
C ASN B 169 -37.60 -17.23 -3.62
N THR B 170 -37.83 -16.84 -2.37
CA THR B 170 -37.93 -17.80 -1.27
C THR B 170 -39.29 -17.76 -0.56
N GLY B 171 -39.38 -18.42 0.58
CA GLY B 171 -40.63 -18.42 1.32
C GLY B 171 -40.83 -17.09 2.01
N ASP B 172 -39.73 -16.46 2.43
CA ASP B 172 -39.81 -15.17 3.13
C ASP B 172 -38.88 -14.12 2.53
N ALA B 173 -39.30 -12.86 2.63
CA ALA B 173 -38.50 -11.76 2.11
C ALA B 173 -37.30 -11.58 3.05
N PRO B 174 -36.16 -11.13 2.51
CA PRO B 174 -34.95 -10.92 3.31
C PRO B 174 -35.09 -9.80 4.33
N GLU B 175 -36.27 -9.19 4.41
CA GLU B 175 -36.49 -8.10 5.37
C GLU B 175 -37.97 -7.88 5.70
N VAL B 176 -38.21 -6.95 6.60
CA VAL B 176 -39.57 -6.60 7.01
C VAL B 176 -39.65 -5.12 7.30
N GLN B 177 -40.82 -4.54 6.99
CA GLN B 177 -41.10 -3.12 7.20
C GLN B 177 -40.20 -2.38 8.20
N THR B 178 -40.25 -2.82 9.45
CA THR B 178 -39.49 -2.18 10.51
C THR B 178 -37.98 -2.32 10.46
N SER B 179 -37.48 -3.31 9.71
CA SER B 179 -36.04 -3.53 9.64
C SER B 179 -35.36 -3.07 8.37
N ALA B 180 -36.11 -3.02 7.27
CA ALA B 180 -35.55 -2.60 5.99
C ALA B 180 -34.75 -1.30 6.09
N THR B 181 -33.83 -1.12 5.13
CA THR B 181 -32.95 0.05 5.07
C THR B 181 -32.49 0.25 3.61
N THR B 182 -31.30 -0.25 3.29
CA THR B 182 -30.78 -0.13 1.93
C THR B 182 -30.62 -1.50 1.32
N LEU B 183 -30.74 -1.57 0.00
CA LEU B 183 -30.58 -2.83 -0.72
C LEU B 183 -29.16 -2.80 -1.27
N VAL B 184 -28.33 -3.69 -0.72
CA VAL B 184 -26.93 -3.79 -1.11
C VAL B 184 -26.52 -5.21 -1.41
N THR B 185 -25.82 -5.41 -2.51
CA THR B 185 -25.34 -6.74 -2.86
C THR B 185 -23.86 -6.78 -2.58
N SER B 186 -23.34 -7.96 -2.32
CA SER B 186 -21.92 -8.09 -2.06
C SER B 186 -21.22 -8.17 -3.41
N PRO B 187 -19.96 -7.74 -3.47
CA PRO B 187 -19.22 -7.78 -4.72
C PRO B 187 -19.34 -9.14 -5.39
N PHE B 188 -19.70 -9.16 -6.67
CA PHE B 188 -19.76 -10.42 -7.40
C PHE B 188 -18.71 -10.31 -8.50
N THR B 189 -17.70 -11.18 -8.42
CA THR B 189 -16.59 -11.17 -9.37
C THR B 189 -16.66 -12.33 -10.34
N PHE B 190 -16.70 -12.02 -11.64
CA PHE B 190 -16.74 -13.06 -12.65
C PHE B 190 -15.70 -12.77 -13.70
N TYR B 191 -15.47 -13.73 -14.60
CA TYR B 191 -14.45 -13.62 -15.63
C TYR B 191 -14.94 -13.87 -17.06
N TYR B 192 -14.26 -13.27 -18.03
CA TYR B 192 -14.61 -13.49 -19.41
C TYR B 192 -13.45 -13.15 -20.35
N ILE B 193 -13.40 -13.85 -21.49
CA ILE B 193 -12.36 -13.63 -22.48
C ILE B 193 -12.61 -12.26 -23.08
N ARG B 194 -11.57 -11.46 -23.23
CA ARG B 194 -11.75 -10.12 -23.76
C ARG B 194 -11.53 -9.95 -25.27
N GLU B 195 -12.22 -8.99 -25.85
CA GLU B 195 -12.07 -8.70 -27.26
C GLU B 195 -10.65 -8.17 -27.40
N ASP B 196 -10.14 -8.17 -28.63
CA ASP B 196 -8.81 -7.66 -28.86
C ASP B 196 -8.93 -6.18 -29.05
N ASP B 197 -7.86 -5.46 -28.72
CA ASP B 197 -7.84 -4.01 -28.87
C ASP B 197 -7.98 -3.65 -30.37
N CYS C 1 1.03 15.10 6.34
CA CYS C 1 2.24 15.89 6.68
C CYS C 1 3.27 15.68 5.60
N GLU C 2 4.10 16.69 5.35
CA GLU C 2 5.12 16.56 4.33
C GLU C 2 6.47 16.41 5.06
N GLU C 3 7.55 16.24 4.31
CA GLU C 3 8.88 16.08 4.91
C GLU C 3 9.01 16.86 6.23
N PRO C 4 9.34 16.15 7.32
CA PRO C 4 9.50 16.75 8.66
C PRO C 4 10.38 17.98 8.63
N PRO C 5 10.26 18.84 9.65
CA PRO C 5 11.08 20.04 9.69
C PRO C 5 12.54 19.71 9.90
N THR C 6 13.42 20.66 9.61
CA THR C 6 14.83 20.41 9.81
C THR C 6 15.35 21.39 10.85
N PHE C 7 16.38 20.99 11.56
CA PHE C 7 16.93 21.83 12.59
C PHE C 7 18.45 21.94 12.53
N GLU C 8 18.95 22.95 13.23
CA GLU C 8 20.36 23.26 13.30
C GLU C 8 21.17 22.43 14.30
N ALA C 9 20.56 22.06 15.42
CA ALA C 9 21.27 21.29 16.44
C ALA C 9 20.75 19.87 16.57
N MET C 10 19.86 19.50 15.65
CA MET C 10 19.23 18.19 15.70
C MET C 10 18.88 17.75 14.28
N GLU C 11 19.24 16.53 13.91
CA GLU C 11 18.95 16.04 12.57
C GLU C 11 18.07 14.80 12.57
N LEU C 12 17.47 14.52 11.42
CA LEU C 12 16.56 13.39 11.28
C LEU C 12 17.20 12.01 11.19
N ILE C 13 16.66 11.07 11.97
CA ILE C 13 17.14 9.69 12.01
C ILE C 13 16.53 8.88 10.87
N GLY C 14 17.34 8.55 9.87
CA GLY C 14 16.83 7.82 8.74
C GLY C 14 16.54 8.76 7.57
N LYS C 15 16.27 8.20 6.40
CA LYS C 15 15.99 9.03 5.24
C LYS C 15 14.58 9.59 5.27
N PRO C 16 14.43 10.88 4.91
CA PRO C 16 13.12 11.51 4.91
C PRO C 16 12.27 10.95 3.79
N LYS C 17 10.97 11.27 3.84
CA LYS C 17 10.02 10.84 2.83
C LYS C 17 9.16 12.02 2.42
N PRO C 18 8.61 12.00 1.19
CA PRO C 18 7.76 13.10 0.72
C PRO C 18 6.41 13.18 1.44
N TYR C 19 5.74 12.04 1.58
CA TYR C 19 4.44 12.00 2.27
C TYR C 19 4.51 11.15 3.52
N TYR C 20 3.64 11.46 4.48
CA TYR C 20 3.55 10.74 5.74
C TYR C 20 2.09 10.62 6.16
N GLU C 21 1.74 9.45 6.67
CA GLU C 21 0.38 9.17 7.11
C GLU C 21 0.16 9.57 8.56
N ILE C 22 -1.10 9.72 8.94
CA ILE C 22 -1.46 10.10 10.31
C ILE C 22 -0.92 9.07 11.31
N GLY C 23 -0.58 9.52 12.50
CA GLY C 23 -0.10 8.60 13.52
C GLY C 23 1.32 8.12 13.32
N GLU C 24 2.00 8.62 12.29
CA GLU C 24 3.38 8.21 12.05
C GLU C 24 4.32 9.02 12.91
N ARG C 25 5.41 8.40 13.33
CA ARG C 25 6.38 9.11 14.13
C ARG C 25 7.70 9.22 13.41
N VAL C 26 8.38 10.32 13.67
CA VAL C 26 9.66 10.58 13.06
C VAL C 26 10.57 10.97 14.23
N ASP C 27 11.81 10.48 14.23
CA ASP C 27 12.73 10.79 15.32
C ASP C 27 13.98 11.52 14.87
N TYR C 28 14.45 12.39 15.75
CA TYR C 28 15.66 13.13 15.48
C TYR C 28 16.72 12.71 16.50
N LYS C 29 17.94 13.18 16.27
CA LYS C 29 19.03 12.90 17.20
C LYS C 29 19.95 14.11 17.15
N CYS C 30 20.41 14.56 18.31
CA CYS C 30 21.31 15.71 18.34
C CYS C 30 22.44 15.48 17.34
N LYS C 31 22.80 16.51 16.60
CA LYS C 31 23.83 16.40 15.60
C LYS C 31 25.20 16.13 16.22
N LYS C 32 26.21 16.01 15.38
CA LYS C 32 27.56 15.78 15.84
C LYS C 32 27.99 17.07 16.51
N GLY C 33 28.44 16.97 17.77
CA GLY C 33 28.86 18.15 18.51
C GLY C 33 27.83 18.61 19.53
N TYR C 34 26.65 18.01 19.51
CA TYR C 34 25.62 18.40 20.45
C TYR C 34 25.26 17.25 21.37
N PHE C 35 24.46 17.54 22.39
CA PHE C 35 24.04 16.48 23.30
C PHE C 35 22.66 16.79 23.84
N TYR C 36 22.04 15.77 24.39
CA TYR C 36 20.70 15.87 24.89
C TYR C 36 20.61 16.19 26.37
N ILE C 37 19.59 16.97 26.73
CA ILE C 37 19.32 17.31 28.13
C ILE C 37 17.82 17.23 28.26
N PRO C 38 17.33 16.42 29.19
CA PRO C 38 15.89 16.30 29.37
C PRO C 38 15.26 17.66 29.69
N PRO C 39 13.91 17.78 29.57
CA PRO C 39 12.96 16.74 29.15
C PRO C 39 12.31 16.94 27.76
N LEU C 40 12.70 17.99 27.05
CA LEU C 40 12.16 18.29 25.73
C LEU C 40 12.27 17.11 24.77
N ALA C 41 11.30 16.96 23.88
CA ALA C 41 11.28 15.86 22.92
C ALA C 41 12.16 16.09 21.71
N THR C 42 12.47 15.00 21.02
CA THR C 42 13.30 15.05 19.83
C THR C 42 12.61 14.26 18.73
N HIS C 43 11.31 14.03 18.91
CA HIS C 43 10.51 13.29 17.95
C HIS C 43 9.17 14.01 17.79
N THR C 44 8.39 13.60 16.79
CA THR C 44 7.08 14.19 16.58
C THR C 44 6.19 13.27 15.75
N ILE C 45 4.89 13.35 15.99
CA ILE C 45 3.93 12.51 15.28
C ILE C 45 3.07 13.37 14.35
N CYS C 46 2.74 12.80 13.19
CA CYS C 46 1.90 13.49 12.20
C CYS C 46 0.45 13.31 12.65
N ASP C 47 -0.15 14.37 13.19
CA ASP C 47 -1.53 14.30 13.69
C ASP C 47 -2.65 14.15 12.66
N ARG C 48 -3.88 14.33 13.12
CA ARG C 48 -5.08 14.24 12.28
C ARG C 48 -4.99 15.13 11.04
N ASN C 49 -4.71 16.41 11.25
CA ASN C 49 -4.47 17.33 10.14
C ASN C 49 -2.98 17.46 9.83
N HIS C 50 -2.62 17.25 8.57
CA HIS C 50 -1.33 16.69 8.22
C HIS C 50 -0.21 17.70 8.51
N THR C 51 -0.10 18.10 9.77
CA THR C 51 0.95 19.02 10.19
C THR C 51 1.57 18.58 11.52
N TRP C 52 2.85 18.25 11.48
CA TRP C 52 3.52 17.68 12.64
C TRP C 52 3.22 18.48 13.90
N LEU C 53 3.32 17.82 15.06
CA LEU C 53 3.12 18.48 16.34
C LEU C 53 4.28 19.46 16.54
N PRO C 54 4.21 20.32 17.57
CA PRO C 54 5.32 21.25 17.80
C PRO C 54 6.58 20.47 18.18
N VAL C 55 7.73 20.93 17.73
CA VAL C 55 8.97 20.24 18.04
C VAL C 55 10.17 21.18 17.94
N SER C 56 11.11 21.04 18.85
CA SER C 56 12.29 21.90 18.84
C SER C 56 13.59 21.12 18.92
N ASP C 57 14.69 21.87 18.86
CA ASP C 57 16.03 21.32 18.94
C ASP C 57 16.72 21.97 20.12
N ASP C 58 15.91 22.42 21.08
CA ASP C 58 16.45 23.07 22.26
C ASP C 58 16.91 22.05 23.30
N ALA C 59 16.57 20.78 23.10
CA ALA C 59 17.00 19.76 24.05
C ALA C 59 18.45 19.42 23.73
N CYS C 60 18.96 19.94 22.61
CA CYS C 60 20.34 19.68 22.16
C CYS C 60 21.30 20.88 22.36
N TYR C 61 22.16 20.78 23.36
CA TYR C 61 23.13 21.84 23.68
C TYR C 61 24.48 21.53 23.06
N ARG C 62 25.25 22.58 22.77
CA ARG C 62 26.56 22.39 22.17
C ARG C 62 27.59 21.83 23.14
N GLU C 63 28.53 21.05 22.63
CA GLU C 63 29.60 20.52 23.47
C GLU C 63 30.42 21.71 23.94
N THR C 64 30.92 21.63 25.16
CA THR C 64 31.70 22.72 25.72
C THR C 64 33.17 22.40 25.92
N CYS C 65 34.02 23.41 25.87
CA CYS C 65 35.44 23.20 26.09
C CYS C 65 35.68 23.09 27.59
N PRO C 66 36.74 22.38 28.00
CA PRO C 66 37.03 22.24 29.42
C PRO C 66 37.16 23.59 30.11
N TYR C 67 37.03 23.57 31.43
CA TYR C 67 37.14 24.78 32.22
C TYR C 67 38.57 25.33 32.28
N ILE C 68 38.70 26.63 32.47
CA ILE C 68 40.02 27.30 32.54
C ILE C 68 40.05 28.40 33.62
N ARG C 69 40.67 28.11 34.76
CA ARG C 69 40.76 29.10 35.84
C ARG C 69 41.77 30.18 35.48
N ASP C 70 41.67 31.31 36.15
CA ASP C 70 42.56 32.43 35.91
C ASP C 70 44.02 32.04 36.03
N PRO C 71 44.82 32.35 35.02
CA PRO C 71 46.26 32.10 35.12
C PRO C 71 46.92 32.90 36.25
N LEU C 72 47.44 32.23 37.27
CA LEU C 72 48.01 32.95 38.41
C LEU C 72 48.44 34.39 38.08
N ASN C 73 47.96 35.36 38.86
CA ASN C 73 48.28 36.77 38.65
C ASN C 73 47.74 37.32 37.33
N GLY C 74 46.67 36.72 36.85
CA GLY C 74 46.09 37.15 35.60
C GLY C 74 44.63 36.78 35.63
N GLN C 75 43.95 36.98 34.52
CA GLN C 75 42.53 36.67 34.47
C GLN C 75 42.11 36.06 33.15
N ALA C 76 41.32 35.01 33.23
CA ALA C 76 40.79 34.35 32.03
C ALA C 76 39.31 34.69 32.06
N VAL C 77 38.84 35.23 30.94
CA VAL C 77 37.44 35.61 30.83
C VAL C 77 36.74 35.08 29.57
N PRO C 78 35.60 34.40 29.74
CA PRO C 78 34.89 33.87 28.58
C PRO C 78 34.34 35.01 27.73
N ALA C 79 35.15 35.47 26.78
CA ALA C 79 34.76 36.58 25.90
C ALA C 79 33.28 36.57 25.59
N ASN C 80 32.76 35.43 25.16
CA ASN C 80 31.34 35.36 24.83
C ASN C 80 30.42 34.79 25.89
N GLY C 81 30.87 34.88 27.15
CA GLY C 81 30.10 34.41 28.28
C GLY C 81 29.68 32.95 28.21
N THR C 82 30.44 32.16 27.47
CA THR C 82 30.11 30.75 27.32
C THR C 82 31.35 29.94 26.98
N TYR C 83 31.30 28.66 27.36
CA TYR C 83 32.37 27.72 27.09
C TYR C 83 32.05 26.96 25.81
N GLU C 84 30.80 27.03 25.36
CA GLU C 84 30.37 26.33 24.15
C GLU C 84 31.27 26.59 22.94
N PHE C 85 31.38 25.61 22.04
CA PHE C 85 32.22 25.84 20.87
C PHE C 85 31.63 26.99 20.03
N GLY C 86 32.46 27.54 19.16
CA GLY C 86 32.02 28.64 18.33
C GLY C 86 32.22 29.95 19.07
N TYR C 87 32.99 29.90 20.14
CA TYR C 87 33.26 31.09 20.94
C TYR C 87 34.73 31.20 21.34
N GLN C 88 35.06 32.17 22.18
CA GLN C 88 36.46 32.31 22.58
C GLN C 88 36.74 32.72 24.01
N MET C 89 37.95 32.38 24.46
CA MET C 89 38.41 32.68 25.80
C MET C 89 39.51 33.73 25.68
N HIS C 90 39.44 34.77 26.51
CA HIS C 90 40.43 35.84 26.48
C HIS C 90 41.24 35.94 27.75
N PHE C 91 42.50 36.32 27.62
CA PHE C 91 43.33 36.44 28.82
C PHE C 91 44.04 37.79 29.02
N ILE C 92 43.77 38.42 30.15
CA ILE C 92 44.44 39.68 30.47
C ILE C 92 45.20 39.43 31.77
N CYS C 93 46.49 39.72 31.76
CA CYS C 93 47.29 39.53 32.96
C CYS C 93 47.12 40.78 33.80
N ASN C 94 47.41 40.68 35.09
CA ASN C 94 47.25 41.82 35.97
C ASN C 94 48.33 42.86 35.76
N GLU C 95 48.06 44.05 36.26
CA GLU C 95 48.95 45.21 36.15
C GLU C 95 50.46 44.99 36.20
N GLY C 96 50.98 44.53 37.31
CA GLY C 96 52.43 44.34 37.37
C GLY C 96 53.04 43.22 36.55
N TYR C 97 52.22 42.46 35.84
CA TYR C 97 52.72 41.35 35.05
C TYR C 97 52.47 41.51 33.55
N TYR C 98 53.14 40.70 32.74
CA TYR C 98 52.96 40.73 31.29
C TYR C 98 52.62 39.32 30.79
N LEU C 99 51.81 39.28 29.74
CA LEU C 99 51.36 38.02 29.17
C LEU C 99 52.34 37.46 28.14
N ILE C 100 52.55 36.14 28.18
CA ILE C 100 53.46 35.48 27.25
C ILE C 100 52.70 34.69 26.17
N GLY C 101 52.51 33.39 26.38
CA GLY C 101 51.80 32.59 25.40
C GLY C 101 50.51 33.24 24.96
N GLU C 102 50.51 33.84 23.77
CA GLU C 102 49.48 34.80 23.39
C GLU C 102 48.14 34.45 24.04
N GLU C 103 47.16 35.33 23.87
CA GLU C 103 46.11 35.49 24.87
C GLU C 103 44.73 35.51 24.21
N ILE C 104 44.52 34.58 23.27
CA ILE C 104 43.17 34.23 22.84
C ILE C 104 43.14 32.76 22.46
N LEU C 105 42.13 32.08 22.97
CA LEU C 105 41.95 30.67 22.69
C LEU C 105 40.55 30.53 22.16
N TYR C 106 40.40 29.74 21.11
CA TYR C 106 39.11 29.55 20.48
C TYR C 106 38.54 28.17 20.75
N CYS C 107 37.42 28.11 21.47
CA CYS C 107 36.79 26.84 21.74
C CYS C 107 36.17 26.37 20.43
N GLU C 108 36.80 25.41 19.78
CA GLU C 108 36.33 24.92 18.48
C GLU C 108 35.88 23.46 18.46
N LEU C 109 35.03 23.12 17.50
CA LEU C 109 34.56 21.75 17.38
C LEU C 109 35.51 20.94 16.51
N LYS C 110 35.91 19.78 16.99
CA LYS C 110 36.81 18.91 16.23
C LYS C 110 36.29 17.49 16.24
N GLY C 111 35.49 17.15 15.24
CA GLY C 111 34.93 15.83 15.17
C GLY C 111 33.64 15.86 15.98
N SER C 112 33.64 15.15 17.11
CA SER C 112 32.46 15.11 17.99
C SER C 112 32.80 15.74 19.33
N VAL C 113 33.79 16.62 19.35
CA VAL C 113 34.21 17.22 20.61
C VAL C 113 34.68 18.66 20.51
N ALA C 114 34.26 19.46 21.49
CA ALA C 114 34.63 20.87 21.57
C ALA C 114 35.94 20.99 22.32
N ILE C 115 36.93 21.63 21.69
CA ILE C 115 38.23 21.78 22.34
C ILE C 115 38.90 23.14 22.11
N TRP C 116 39.67 23.61 23.08
CA TRP C 116 40.34 24.91 22.96
C TRP C 116 41.36 24.93 21.84
N SER C 117 41.43 26.04 21.13
CA SER C 117 42.35 26.16 20.01
C SER C 117 43.79 26.16 20.44
N GLY C 118 44.05 25.97 21.74
CA GLY C 118 45.41 25.95 22.23
C GLY C 118 45.54 25.83 23.73
N LYS C 119 46.55 26.51 24.29
CA LYS C 119 46.81 26.48 25.72
C LYS C 119 46.75 27.86 26.38
N PRO C 120 46.36 27.89 27.66
CA PRO C 120 46.25 29.14 28.42
C PRO C 120 47.60 29.83 28.51
N PRO C 121 47.60 31.14 28.68
CA PRO C 121 48.88 31.84 28.78
C PRO C 121 49.26 31.87 30.26
N ILE C 122 50.33 32.61 30.56
CA ILE C 122 50.82 32.77 31.93
C ILE C 122 51.29 34.21 32.14
N CYS C 123 51.39 34.62 33.41
CA CYS C 123 51.79 35.97 33.75
C CYS C 123 53.09 35.98 34.53
N GLU C 124 54.01 36.87 34.15
CA GLU C 124 55.34 36.90 34.74
C GLU C 124 55.67 38.29 35.29
N LYS C 125 56.78 38.39 35.99
CA LYS C 125 56.94 39.39 37.04
C LYS C 125 56.96 40.81 36.48
N VAL C 126 57.52 40.95 35.28
CA VAL C 126 57.79 42.26 34.72
C VAL C 126 58.99 42.91 35.40
N CYS D 1 -39.02 17.97 -38.72
CA CYS D 1 -39.65 17.07 -39.68
C CYS D 1 -41.04 16.64 -39.20
N GLU D 2 -41.42 17.11 -38.02
CA GLU D 2 -42.56 16.55 -37.31
C GLU D 2 -42.51 15.03 -37.29
N GLU D 3 -41.93 14.48 -36.24
CA GLU D 3 -42.53 13.34 -35.54
C GLU D 3 -42.32 12.05 -36.31
N PRO D 4 -41.30 11.29 -35.92
CA PRO D 4 -40.87 10.11 -36.69
C PRO D 4 -41.94 9.04 -36.74
N PRO D 5 -41.66 7.94 -37.44
CA PRO D 5 -42.62 6.85 -37.59
C PRO D 5 -42.51 5.84 -36.45
N THR D 6 -43.63 5.22 -36.08
CA THR D 6 -43.64 4.24 -35.02
C THR D 6 -43.65 2.90 -35.75
N PHE D 7 -42.89 1.94 -35.22
CA PHE D 7 -42.82 0.64 -35.86
C PHE D 7 -43.31 -0.46 -34.93
N GLU D 8 -43.57 -1.62 -35.51
CA GLU D 8 -44.07 -2.77 -34.78
C GLU D 8 -43.02 -3.47 -33.94
N ALA D 9 -41.80 -3.60 -34.45
CA ALA D 9 -40.74 -4.27 -33.73
C ALA D 9 -39.62 -3.33 -33.27
N MET D 10 -39.84 -2.03 -33.44
CA MET D 10 -38.86 -1.00 -33.12
C MET D 10 -39.50 0.10 -32.26
N GLU D 11 -38.70 0.72 -31.38
CA GLU D 11 -39.15 1.79 -30.49
C GLU D 11 -38.20 2.96 -30.59
N LEU D 12 -38.71 4.16 -30.37
CA LEU D 12 -37.85 5.31 -30.43
C LEU D 12 -37.15 5.49 -29.09
N ILE D 13 -35.87 5.84 -29.14
CA ILE D 13 -35.05 6.05 -27.96
C ILE D 13 -35.18 7.51 -27.51
N GLY D 14 -35.82 7.72 -26.37
CA GLY D 14 -35.99 9.09 -25.89
C GLY D 14 -37.34 9.68 -26.26
N LYS D 15 -37.75 10.69 -25.52
CA LYS D 15 -39.04 11.32 -25.76
C LYS D 15 -39.18 12.00 -27.13
N PRO D 16 -40.25 11.66 -27.87
CA PRO D 16 -40.53 12.22 -29.19
C PRO D 16 -40.67 13.72 -29.10
N LYS D 17 -40.26 14.43 -30.16
CA LYS D 17 -40.37 15.88 -30.18
C LYS D 17 -41.33 16.25 -31.30
N PRO D 18 -42.13 17.31 -31.10
CA PRO D 18 -43.09 17.73 -32.13
C PRO D 18 -42.43 18.11 -33.45
N TYR D 19 -41.40 18.95 -33.37
CA TYR D 19 -40.70 19.41 -34.56
C TYR D 19 -39.24 18.99 -34.52
N TYR D 20 -38.65 18.81 -35.69
CA TYR D 20 -37.26 18.39 -35.82
C TYR D 20 -36.60 19.23 -36.91
N GLU D 21 -35.31 19.52 -36.74
CA GLU D 21 -34.62 20.32 -37.74
C GLU D 21 -33.70 19.49 -38.63
N ILE D 22 -33.35 20.05 -39.77
CA ILE D 22 -32.47 19.42 -40.76
C ILE D 22 -31.15 18.99 -40.12
N GLY D 23 -30.80 17.73 -40.27
CA GLY D 23 -29.55 17.24 -39.69
C GLY D 23 -29.79 16.39 -38.48
N GLU D 24 -30.89 16.66 -37.77
CA GLU D 24 -31.24 15.92 -36.58
C GLU D 24 -31.51 14.46 -36.87
N ARG D 25 -31.01 13.60 -35.99
CA ARG D 25 -31.19 12.17 -36.13
C ARG D 25 -31.92 11.59 -34.93
N VAL D 26 -32.69 10.54 -35.18
CA VAL D 26 -33.43 9.83 -34.15
C VAL D 26 -32.96 8.39 -34.18
N ASP D 27 -32.97 7.72 -33.03
CA ASP D 27 -32.52 6.33 -32.99
C ASP D 27 -33.55 5.41 -32.39
N TYR D 28 -33.55 4.18 -32.87
CA TYR D 28 -34.48 3.19 -32.38
C TYR D 28 -33.73 2.03 -31.74
N LYS D 29 -34.50 1.09 -31.21
CA LYS D 29 -33.94 -0.12 -30.63
C LYS D 29 -35.03 -1.19 -30.78
N CYS D 30 -34.64 -2.43 -31.02
CA CYS D 30 -35.63 -3.48 -31.13
C CYS D 30 -36.37 -3.51 -29.82
N LYS D 31 -37.69 -3.70 -29.88
CA LYS D 31 -38.50 -3.72 -28.67
C LYS D 31 -38.16 -4.90 -27.78
N LYS D 32 -38.87 -4.97 -26.67
CA LYS D 32 -38.71 -6.04 -25.68
C LYS D 32 -39.19 -7.28 -26.42
N GLY D 33 -38.30 -8.27 -26.54
CA GLY D 33 -38.67 -9.48 -27.23
C GLY D 33 -38.18 -9.53 -28.66
N TYR D 34 -37.42 -8.52 -29.06
CA TYR D 34 -36.87 -8.51 -30.41
C TYR D 34 -35.37 -8.29 -30.36
N PHE D 35 -34.66 -8.88 -31.32
CA PHE D 35 -33.22 -8.70 -31.38
C PHE D 35 -32.83 -8.18 -32.76
N TYR D 36 -31.66 -7.58 -32.83
CA TYR D 36 -31.17 -6.99 -34.04
C TYR D 36 -30.20 -7.88 -34.79
N ILE D 37 -30.39 -7.92 -36.11
CA ILE D 37 -29.53 -8.68 -37.04
C ILE D 37 -29.07 -7.65 -38.06
N PRO D 38 -27.76 -7.57 -38.30
CA PRO D 38 -27.24 -6.61 -39.28
C PRO D 38 -27.77 -6.98 -40.67
N PRO D 39 -27.63 -6.07 -41.66
CA PRO D 39 -27.01 -4.75 -41.56
C PRO D 39 -27.94 -3.52 -41.65
N LEU D 40 -29.23 -3.72 -41.79
CA LEU D 40 -30.16 -2.59 -41.92
C LEU D 40 -30.02 -1.55 -40.81
N ALA D 41 -30.54 -0.35 -41.06
CA ALA D 41 -30.44 0.72 -40.08
C ALA D 41 -31.59 0.68 -39.08
N THR D 42 -31.35 1.26 -37.92
CA THR D 42 -32.35 1.32 -36.87
C THR D 42 -32.46 2.79 -36.47
N HIS D 43 -31.90 3.65 -37.31
CA HIS D 43 -31.91 5.07 -37.09
C HIS D 43 -32.26 5.80 -38.38
N THR D 44 -32.34 7.13 -38.29
CA THR D 44 -32.63 7.95 -39.46
C THR D 44 -32.51 9.44 -39.12
N ILE D 45 -32.11 10.24 -40.11
CA ILE D 45 -32.08 11.69 -39.95
C ILE D 45 -33.13 12.36 -40.82
N CYS D 46 -33.65 13.49 -40.35
CA CYS D 46 -34.57 14.30 -41.15
C CYS D 46 -33.80 15.08 -42.22
N ASP D 47 -34.13 14.81 -43.49
CA ASP D 47 -33.52 15.52 -44.60
C ASP D 47 -34.32 16.77 -44.97
N ARG D 48 -33.66 17.72 -45.62
CA ARG D 48 -34.28 18.99 -45.98
C ARG D 48 -35.78 18.83 -46.13
N ASN D 49 -36.19 18.07 -47.15
CA ASN D 49 -37.60 17.96 -47.51
C ASN D 49 -38.50 17.92 -46.29
N HIS D 50 -37.93 17.53 -45.15
CA HIS D 50 -38.71 17.31 -43.94
C HIS D 50 -39.54 16.02 -44.05
N THR D 51 -39.11 15.12 -44.93
CA THR D 51 -39.37 13.71 -44.76
C THR D 51 -38.19 12.99 -44.11
N TRP D 52 -38.49 12.14 -43.13
CA TRP D 52 -37.49 11.22 -42.59
C TRP D 52 -37.06 10.21 -43.66
N LEU D 53 -35.76 10.20 -43.96
CA LEU D 53 -35.19 9.19 -44.85
C LEU D 53 -35.86 7.84 -44.64
N PRO D 54 -35.78 6.98 -45.66
CA PRO D 54 -36.37 5.65 -45.59
C PRO D 54 -35.72 4.77 -44.51
N VAL D 55 -36.53 4.23 -43.62
CA VAL D 55 -36.00 3.37 -42.57
C VAL D 55 -37.02 2.30 -42.17
N SER D 56 -36.52 1.10 -41.88
CA SER D 56 -37.41 0.01 -41.51
C SER D 56 -37.09 -0.61 -40.16
N ASP D 57 -37.84 -1.64 -39.82
CA ASP D 57 -37.64 -2.35 -38.57
C ASP D 57 -37.33 -3.80 -38.87
N ASP D 58 -37.10 -4.09 -40.15
CA ASP D 58 -36.80 -5.45 -40.60
C ASP D 58 -35.44 -5.97 -40.12
N ALA D 59 -34.67 -5.11 -39.46
CA ALA D 59 -33.37 -5.51 -38.96
C ALA D 59 -33.55 -6.07 -37.57
N CYS D 60 -34.80 -6.09 -37.11
CA CYS D 60 -35.15 -6.57 -35.78
C CYS D 60 -36.03 -7.83 -35.86
N TYR D 61 -35.49 -8.97 -35.45
CA TYR D 61 -36.24 -10.21 -35.50
C TYR D 61 -36.87 -10.56 -34.19
N ARG D 62 -37.91 -11.38 -34.29
CA ARG D 62 -38.67 -11.84 -33.15
C ARG D 62 -37.96 -12.97 -32.42
N GLU D 63 -37.85 -12.88 -31.09
CA GLU D 63 -37.19 -13.93 -30.33
C GLU D 63 -37.80 -15.28 -30.68
N THR D 64 -37.02 -16.34 -30.54
CA THR D 64 -37.48 -17.67 -30.91
C THR D 64 -37.42 -18.68 -29.78
N CYS D 65 -38.29 -19.68 -29.84
CA CYS D 65 -38.29 -20.72 -28.82
C CYS D 65 -37.18 -21.73 -29.10
N PRO D 66 -36.84 -22.55 -28.11
CA PRO D 66 -35.78 -23.56 -28.30
C PRO D 66 -36.17 -24.64 -29.29
N TYR D 67 -35.15 -25.23 -29.90
CA TYR D 67 -35.35 -26.30 -30.87
C TYR D 67 -35.96 -27.52 -30.19
N ILE D 68 -36.97 -28.11 -30.83
CA ILE D 68 -37.64 -29.32 -30.34
C ILE D 68 -37.50 -30.40 -31.41
N ARG D 69 -36.93 -31.55 -31.04
CA ARG D 69 -36.74 -32.63 -31.99
C ARG D 69 -37.87 -33.64 -31.92
N ASP D 70 -38.15 -34.30 -33.05
CA ASP D 70 -39.21 -35.31 -33.15
C ASP D 70 -39.18 -36.24 -31.94
N PRO D 71 -40.30 -36.33 -31.20
CA PRO D 71 -40.26 -37.24 -30.05
C PRO D 71 -39.83 -38.59 -30.60
N LEU D 72 -39.49 -39.55 -29.74
CA LEU D 72 -39.10 -40.86 -30.23
C LEU D 72 -40.37 -41.58 -30.72
N ASN D 73 -40.36 -42.02 -31.98
CA ASN D 73 -41.51 -42.69 -32.58
C ASN D 73 -42.65 -41.70 -32.75
N GLY D 74 -42.30 -40.49 -33.20
CA GLY D 74 -43.29 -39.46 -33.45
C GLY D 74 -42.72 -38.29 -34.22
N GLN D 75 -43.50 -37.22 -34.32
CA GLN D 75 -43.11 -36.05 -35.11
C GLN D 75 -43.33 -34.76 -34.33
N ALA D 76 -42.32 -33.91 -34.32
CA ALA D 76 -42.50 -32.50 -34.01
C ALA D 76 -42.55 -31.66 -35.28
N VAL D 77 -43.64 -30.91 -35.45
CA VAL D 77 -43.84 -30.10 -36.65
C VAL D 77 -44.18 -28.66 -36.29
N PRO D 78 -43.39 -27.72 -36.80
CA PRO D 78 -43.62 -26.30 -36.56
C PRO D 78 -44.94 -25.91 -37.24
N ALA D 79 -46.02 -25.88 -36.47
CA ALA D 79 -47.33 -25.54 -37.03
C ALA D 79 -47.21 -24.42 -38.06
N ASN D 80 -46.60 -23.31 -37.68
CA ASN D 80 -46.49 -22.22 -38.64
C ASN D 80 -45.09 -22.12 -39.24
N GLY D 81 -44.43 -23.26 -39.36
CA GLY D 81 -43.09 -23.30 -39.93
C GLY D 81 -42.21 -22.19 -39.42
N THR D 82 -42.18 -22.02 -38.10
CA THR D 82 -41.38 -20.98 -37.46
C THR D 82 -41.29 -21.28 -35.98
N TYR D 83 -40.24 -20.76 -35.33
CA TYR D 83 -40.05 -20.95 -33.90
C TYR D 83 -40.34 -19.66 -33.16
N GLU D 84 -40.55 -18.58 -33.89
CA GLU D 84 -40.84 -17.28 -33.27
C GLU D 84 -42.05 -17.27 -32.34
N PHE D 85 -42.07 -16.37 -31.37
CA PHE D 85 -43.19 -16.30 -30.46
C PHE D 85 -44.47 -15.89 -31.18
N GLY D 86 -45.59 -16.45 -30.73
CA GLY D 86 -46.87 -16.16 -31.33
C GLY D 86 -47.31 -17.26 -32.26
N TYR D 87 -46.51 -18.32 -32.32
CA TYR D 87 -46.81 -19.46 -33.18
C TYR D 87 -46.88 -20.76 -32.37
N GLN D 88 -47.07 -21.88 -33.05
CA GLN D 88 -47.22 -23.14 -32.35
C GLN D 88 -46.39 -24.31 -32.85
N MET D 89 -46.29 -25.31 -31.98
CA MET D 89 -45.55 -26.53 -32.28
C MET D 89 -46.53 -27.68 -32.11
N HIS D 90 -46.59 -28.56 -33.09
CA HIS D 90 -47.49 -29.71 -33.07
C HIS D 90 -46.81 -31.06 -33.01
N PHE D 91 -47.41 -31.95 -32.24
CA PHE D 91 -46.89 -33.30 -32.09
C PHE D 91 -47.88 -34.38 -32.53
N ILE D 92 -47.39 -35.33 -33.32
CA ILE D 92 -48.20 -36.43 -33.83
C ILE D 92 -47.38 -37.68 -33.59
N CYS D 93 -47.96 -38.67 -32.91
CA CYS D 93 -47.27 -39.93 -32.65
C CYS D 93 -47.47 -40.91 -33.79
N ASN D 94 -46.40 -41.63 -34.12
CA ASN D 94 -46.43 -42.55 -35.27
C ASN D 94 -47.55 -43.56 -35.18
N GLU D 95 -47.79 -44.27 -36.28
CA GLU D 95 -49.04 -45.01 -36.46
C GLU D 95 -49.32 -45.93 -35.27
N GLY D 96 -48.25 -46.46 -34.69
CA GLY D 96 -48.37 -47.58 -33.77
C GLY D 96 -48.41 -47.14 -32.32
N TYR D 97 -48.39 -45.82 -32.10
CA TYR D 97 -48.24 -45.26 -30.77
C TYR D 97 -49.33 -44.24 -30.48
N TYR D 98 -49.44 -43.84 -29.22
CA TYR D 98 -50.38 -42.79 -28.81
C TYR D 98 -49.66 -41.69 -28.02
N LEU D 99 -50.14 -40.46 -28.22
CA LEU D 99 -49.57 -39.27 -27.57
C LEU D 99 -49.74 -39.33 -26.06
N ILE D 100 -48.69 -38.96 -25.35
CA ILE D 100 -48.72 -39.03 -23.90
C ILE D 100 -48.47 -37.67 -23.23
N GLY D 101 -49.19 -36.65 -23.67
CA GLY D 101 -49.01 -35.35 -23.08
C GLY D 101 -49.77 -34.29 -23.86
N GLU D 102 -49.09 -33.19 -24.13
CA GLU D 102 -49.69 -32.09 -24.86
C GLU D 102 -49.55 -32.20 -26.38
N GLU D 103 -50.67 -32.10 -27.09
CA GLU D 103 -50.65 -32.18 -28.55
C GLU D 103 -49.94 -30.95 -29.09
N ILE D 104 -50.34 -29.78 -28.58
CA ILE D 104 -49.76 -28.51 -29.01
C ILE D 104 -49.06 -27.76 -27.88
N LEU D 105 -48.02 -27.02 -28.26
CA LEU D 105 -47.25 -26.20 -27.34
C LEU D 105 -47.19 -24.83 -27.99
N TYR D 106 -47.30 -23.78 -27.19
CA TYR D 106 -47.31 -22.42 -27.72
C TYR D 106 -46.06 -21.61 -27.42
N CYS D 107 -45.34 -21.20 -28.47
CA CYS D 107 -44.16 -20.39 -28.25
C CYS D 107 -44.64 -19.01 -27.87
N GLU D 108 -44.67 -18.72 -26.58
CA GLU D 108 -45.14 -17.44 -26.09
C GLU D 108 -44.02 -16.50 -25.61
N LEU D 109 -44.29 -15.20 -25.63
CA LEU D 109 -43.31 -14.25 -25.17
C LEU D 109 -43.58 -13.94 -23.70
N LYS D 110 -42.57 -14.12 -22.87
CA LYS D 110 -42.73 -13.87 -21.44
C LYS D 110 -41.61 -12.95 -20.97
N GLY D 111 -41.87 -11.66 -21.01
CA GLY D 111 -40.87 -10.69 -20.60
C GLY D 111 -40.10 -10.35 -21.85
N SER D 112 -38.91 -10.91 -22.00
CA SER D 112 -38.10 -10.66 -23.18
C SER D 112 -37.41 -11.95 -23.56
N VAL D 113 -38.18 -13.04 -23.43
CA VAL D 113 -37.72 -14.39 -23.75
C VAL D 113 -38.91 -15.16 -24.30
N ALA D 114 -38.70 -15.84 -25.43
CA ALA D 114 -39.73 -16.65 -26.05
C ALA D 114 -39.62 -18.04 -25.43
N ILE D 115 -40.73 -18.54 -24.89
CA ILE D 115 -40.73 -19.85 -24.24
C ILE D 115 -41.96 -20.70 -24.56
N TRP D 116 -41.75 -22.01 -24.68
CA TRP D 116 -42.84 -22.96 -24.97
C TRP D 116 -43.89 -22.96 -23.87
N SER D 117 -45.15 -23.13 -24.24
CA SER D 117 -46.23 -23.14 -23.26
C SER D 117 -46.21 -24.38 -22.39
N GLY D 118 -45.14 -25.16 -22.47
CA GLY D 118 -45.04 -26.38 -21.68
C GLY D 118 -43.92 -27.30 -22.14
N LYS D 119 -44.14 -28.61 -22.00
CA LYS D 119 -43.14 -29.61 -22.38
C LYS D 119 -43.60 -30.62 -23.45
N PRO D 120 -42.66 -31.16 -24.24
CA PRO D 120 -42.91 -32.12 -25.31
C PRO D 120 -43.57 -33.40 -24.86
N PRO D 121 -44.42 -33.99 -25.71
CA PRO D 121 -45.07 -35.22 -25.32
C PRO D 121 -44.14 -36.37 -25.70
N ILE D 122 -44.60 -37.60 -25.48
CA ILE D 122 -43.83 -38.78 -25.85
C ILE D 122 -44.78 -39.80 -26.45
N CYS D 123 -44.22 -40.79 -27.13
CA CYS D 123 -45.02 -41.82 -27.74
C CYS D 123 -44.81 -43.14 -27.04
N GLU D 124 -45.93 -43.76 -26.66
CA GLU D 124 -45.93 -45.04 -25.96
C GLU D 124 -46.56 -46.10 -26.87
N LYS D 125 -45.89 -47.24 -27.03
CA LYS D 125 -46.39 -48.34 -27.86
C LYS D 125 -47.82 -48.71 -27.52
N VAL D 126 -48.69 -48.77 -28.51
CA VAL D 126 -50.10 -49.11 -28.25
C VAL D 126 -50.23 -50.58 -27.91
C1 NAG E . 33.25 36.30 20.82
C2 NAG E . 32.33 36.75 19.71
C3 NAG E . 33.16 37.55 18.72
C4 NAG E . 34.08 38.61 19.37
C5 NAG E . 34.63 38.22 20.78
C6 NAG E . 35.01 39.45 21.61
C7 NAG E . 30.41 35.56 18.87
C8 NAG E . 29.87 34.35 18.12
N2 NAG E . 31.72 35.60 19.07
O3 NAG E . 32.31 38.21 17.79
O4 NAG E . 35.22 38.82 18.50
O5 NAG E . 33.67 37.46 21.53
O6 NAG E . 33.92 40.35 21.72
O7 NAG E . 29.64 36.44 19.27
C1 NAG E . 35.49 40.10 18.09
C2 NAG E . 36.70 40.09 17.15
C3 NAG E . 36.92 41.48 16.53
C4 NAG E . 35.63 42.09 15.99
C5 NAG E . 34.50 41.96 17.01
C6 NAG E . 33.16 42.44 16.49
C7 NAG E . 38.71 38.78 17.40
C8 NAG E . 39.47 37.92 18.40
N2 NAG E . 37.88 39.70 17.89
O3 NAG E . 37.87 41.38 15.48
O4 NAG E . 35.83 43.49 15.75
O5 NAG E . 34.34 40.58 17.40
O6 NAG E . 32.24 41.36 16.38
O7 NAG E . 38.88 38.61 16.19
C1 BMA E . 36.15 43.92 14.48
C2 BMA E . 35.14 45.02 14.09
C3 BMA E . 35.61 45.88 12.91
C4 BMA E . 37.04 46.35 13.15
C5 BMA E . 37.93 45.13 13.38
C6 BMA E . 39.39 45.49 13.59
O2 BMA E . 34.88 45.86 15.20
O3 BMA E . 34.75 47.00 12.76
O4 BMA E . 37.50 47.10 12.04
O5 BMA E . 37.49 44.44 14.56
O6 BMA E . 39.93 44.84 14.74
C1 NAG F . -50.40 -21.43 -36.64
C2 NAG F . -51.56 -20.43 -36.64
C3 NAG F . -52.68 -20.94 -35.72
C4 NAG F . -53.07 -22.36 -36.12
C5 NAG F . -51.85 -23.29 -36.23
C6 NAG F . -52.23 -24.65 -36.84
C7 NAG F . -50.81 -18.19 -37.09
C8 NAG F . -50.37 -16.84 -36.56
N2 NAG F . -51.09 -19.13 -36.19
O3 NAG F . -53.81 -20.09 -35.84
O4 NAG F . -54.05 -22.89 -35.19
O5 NAG F . -50.85 -22.71 -37.11
O6 NAG F . -52.70 -24.50 -38.17
O7 NAG F . -50.90 -18.38 -38.31
C1 NAG F . -55.26 -23.22 -35.77
C2 NAG F . -56.43 -22.99 -34.78
C3 NAG F . -57.81 -22.79 -35.44
C4 NAG F . -57.82 -22.37 -36.93
C5 NAG F . -56.55 -22.76 -37.67
C6 NAG F . -56.42 -22.10 -39.03
C7 NAG F . -57.74 -24.48 -33.40
C8 NAG F . -58.57 -25.47 -34.22
N2 NAG F . -56.54 -24.14 -33.88
O3 NAG F . -58.55 -21.83 -34.70
O4 NAG F . -58.90 -23.03 -37.58
O5 NAG F . -55.43 -22.38 -36.90
O6 NAG F . -55.13 -22.30 -39.58
O7 NAG F . -58.18 -24.05 -32.34
C1 BMA F . -60.20 -22.68 -37.25
C2 BMA F . -60.94 -22.51 -38.59
C3 BMA F . -62.46 -22.57 -38.43
C4 BMA F . -62.83 -23.84 -37.68
C5 BMA F . -62.15 -23.82 -36.31
C6 BMA F . -62.44 -25.09 -35.49
O2 BMA F . -60.52 -23.50 -39.50
O3 BMA F . -63.05 -22.59 -39.73
O4 BMA F . -64.24 -23.90 -37.53
O5 BMA F . -60.71 -23.79 -36.47
O6 BMA F . -63.79 -25.12 -35.05
CA CA G . 17.77 25.72 19.13
CA CA H . -41.51 -5.46 -40.15
CA CA I . -39.52 -32.56 -37.58
#